data_5XT6
#
_entry.id   5XT6
#
_cell.length_a   73.930
_cell.length_b   73.930
_cell.length_c   367.740
_cell.angle_alpha   90.000
_cell.angle_beta   90.000
_cell.angle_gamma   120.000
#
_symmetry.space_group_name_H-M   'P 65'
#
loop_
_entity.id
_entity.type
_entity.pdbx_description
1 polymer 'Zinc-dependent sulfurtransferase SufU'
2 polymer 'Cysteine desulfurase SufS'
3 polymer 'Zinc-dependent sulfurtransferase SufU'
4 non-polymer 'ZINC ION'
5 non-polymer '2-[(3-HYDROXY-2-METHYL-5-PHOSPHONOOXYMETHYL-PYRIDIN-4-YLMETHYL)-AMINO]-PROPIONIC ACID'
6 water water
#
loop_
_entity_poly.entity_id
_entity_poly.type
_entity_poly.pdbx_seq_one_letter_code
_entity_poly.pdbx_strand_id
1 'polypeptide(L)'
;MSFNANLDTLYRQVIMDHYKNPRNKGVLNDSIVVDMNNPTCGDRIRLTMKLDGDIVEDAKFEGEGCSISMASASMMTQAI
KGKDIETALSMSKIFSDMMQGKEYDDSIDLGDIEALQGVSKFPARIKCATLSWKALEKGVAKEEGGNLEHHHHHH
;
D
2 'polypeptide(L)'
;MGHMNITDIREQFPILHQQVNGHDLVYLDSAATSQKPRAVIETLDKYYNQYNSNVHRGVHTLGTRATDGYEGAREKVRKF
INAKSMAEIIFTKGTTTSLNMVALSYARANLKPGDEVVITYMEHHANIIPWQQAVKATGATLKYIPLQEDGTISLEDVRE
TVTSNTKIVAVSHVSNVLGTVNPIKEMAKIAHDNGAVIVVDGAQSTPHMKIDVQDLDCDFFALSSHKMCGPTGVGVLYGK
KALLENMEPAEFGGEMIDFVGLYESTWKELPWKFEAGTPIIAGAIGLGAAIDFLEEIGLDEISRHEHKLAAYALERFRQL
DGVTVYGPEERAGLVTFNLDDVHPHDVATVLDAEGIAVRAGHH(CSS)AQPLMKWLDVTATARASFYLYNTEEEIDKLVE
ALQKTKEYFTNVFVDLEHHHHHH
;
A,B
3 'polypeptide(L)'
;MSFNANLDTLYRQVIMDHYKNPRNKGVLNDSIVVDMNNPT(CSS)GDRIRLTMKLDGDIVEDAKFEGEGCSISMASASMM
TQAIKGKDIETALSMSKIFSDMMQGKEYDDSIDLGDIEALQGVSKFPARIKCATLSWKALEKGVAKEEGGNLEHHHHHH
;
C
#
# COMPACT_ATOMS: atom_id res chain seq x y z
N ASN A 6 -40.83 7.67 12.84
CA ASN A 6 -40.58 8.48 11.61
C ASN A 6 -40.29 7.56 10.45
N LEU A 7 -39.20 7.80 9.73
CA LEU A 7 -38.69 6.79 8.81
C LEU A 7 -38.19 5.56 9.56
N ASP A 8 -37.81 5.75 10.84
CA ASP A 8 -37.33 4.65 11.68
C ASP A 8 -38.44 3.80 12.19
N THR A 9 -39.65 3.97 11.68
CA THR A 9 -40.72 3.05 12.00
C THR A 9 -40.71 1.83 11.04
N LEU A 10 -39.65 1.72 10.25
CA LEU A 10 -39.35 0.50 9.50
C LEU A 10 -38.48 -0.43 10.38
N TYR A 11 -38.65 -0.26 11.70
CA TYR A 11 -38.15 -1.02 12.82
C TYR A 11 -39.41 -1.78 13.27
N ARG A 12 -39.83 -2.74 12.46
CA ARG A 12 -41.19 -3.22 12.53
C ARG A 12 -41.57 -3.83 13.88
N GLN A 13 -42.84 -3.59 14.21
CA GLN A 13 -43.49 -3.99 15.47
C GLN A 13 -43.25 -5.45 15.84
N VAL A 14 -43.38 -6.37 14.88
CA VAL A 14 -43.10 -7.79 15.08
C VAL A 14 -41.60 -8.05 15.30
N ILE A 15 -40.76 -7.27 14.62
CA ILE A 15 -39.32 -7.38 14.83
C ILE A 15 -38.96 -7.06 16.28
N MET A 16 -39.58 -6.03 16.81
CA MET A 16 -39.37 -5.71 18.20
C MET A 16 -39.91 -6.78 19.11
N ASP A 17 -40.91 -7.56 18.66
CA ASP A 17 -41.30 -8.70 19.49
C ASP A 17 -40.16 -9.73 19.56
N HIS A 18 -39.58 -10.05 18.42
CA HIS A 18 -38.50 -11.08 18.43
C HIS A 18 -37.23 -10.61 19.13
N TYR A 19 -36.94 -9.31 19.09
CA TYR A 19 -35.80 -8.82 19.90
C TYR A 19 -36.15 -8.86 21.38
N LYS A 20 -37.40 -8.46 21.70
CA LYS A 20 -37.87 -8.51 23.07
C LYS A 20 -37.85 -9.94 23.61
N ASN A 21 -38.61 -10.86 22.99
CA ASN A 21 -38.81 -12.23 23.46
C ASN A 21 -38.41 -13.21 22.34
N PRO A 22 -37.10 -13.56 22.25
CA PRO A 22 -36.63 -14.40 21.15
C PRO A 22 -37.27 -15.78 21.15
N ARG A 23 -37.16 -16.46 20.02
CA ARG A 23 -37.73 -17.78 19.87
C ARG A 23 -36.81 -18.91 20.29
N ASN A 24 -35.83 -19.21 19.45
CA ASN A 24 -34.97 -20.36 19.66
C ASN A 24 -33.64 -20.02 20.34
N LYS A 25 -33.71 -19.53 21.57
CA LYS A 25 -32.51 -19.20 22.36
C LYS A 25 -32.06 -20.39 23.17
N GLY A 26 -30.82 -20.85 22.96
CA GLY A 26 -30.27 -22.00 23.65
C GLY A 26 -29.21 -22.70 22.84
N VAL A 27 -28.86 -23.92 23.22
CA VAL A 27 -27.80 -24.66 22.55
C VAL A 27 -28.45 -25.90 21.95
N LEU A 28 -27.77 -26.48 20.98
CA LEU A 28 -28.26 -27.74 20.41
C LEU A 28 -27.15 -28.77 20.24
N ASN A 29 -27.19 -29.76 21.11
CA ASN A 29 -26.12 -30.75 21.17
C ASN A 29 -26.28 -31.82 20.08
N ASP A 30 -25.20 -32.58 19.90
CA ASP A 30 -25.12 -33.62 18.89
C ASP A 30 -25.49 -33.11 17.47
N SER A 31 -24.92 -31.98 17.06
CA SER A 31 -25.33 -31.38 15.81
C SER A 31 -24.28 -30.50 15.21
N ILE A 32 -24.73 -29.65 14.29
CA ILE A 32 -23.87 -28.81 13.48
C ILE A 32 -23.80 -27.46 14.17
N VAL A 33 -22.60 -27.04 14.50
CA VAL A 33 -22.39 -25.79 15.24
C VAL A 33 -21.53 -24.85 14.38
N VAL A 34 -22.11 -23.75 13.95
CA VAL A 34 -21.38 -22.67 13.29
C VAL A 34 -21.46 -21.45 14.17
N ASP A 35 -20.42 -20.66 14.09
CA ASP A 35 -20.30 -19.45 14.90
C ASP A 35 -19.89 -18.33 13.98
N MET A 36 -20.51 -17.17 14.15
CA MET A 36 -20.22 -16.05 13.29
C MET A 36 -20.30 -14.73 14.02
N ASN A 37 -19.49 -13.78 13.56
CA ASN A 37 -19.55 -12.39 14.00
C ASN A 37 -19.80 -11.52 12.81
N ASN A 38 -20.57 -10.46 13.02
CA ASN A 38 -20.93 -9.52 11.96
C ASN A 38 -19.70 -8.74 11.58
N PRO A 39 -19.37 -8.67 10.26
CA PRO A 39 -18.29 -7.80 9.75
C PRO A 39 -18.29 -6.41 10.44
N THR A 40 -19.46 -5.81 10.45
CA THR A 40 -19.70 -4.66 11.29
C THR A 40 -19.77 -5.15 12.74
N CYS A 41 -18.60 -5.25 13.37
CA CYS A 41 -18.41 -5.84 14.69
C CYS A 41 -19.48 -5.47 15.72
N GLY A 42 -19.93 -6.45 16.48
CA GLY A 42 -20.77 -6.23 17.64
C GLY A 42 -21.90 -7.21 17.78
N ASP A 43 -22.21 -7.89 16.67
CA ASP A 43 -23.26 -8.91 16.63
C ASP A 43 -22.60 -10.28 16.61
N ARG A 44 -22.93 -11.11 17.60
CA ARG A 44 -22.41 -12.46 17.71
C ARG A 44 -23.53 -13.45 17.65
N ILE A 45 -23.34 -14.51 16.89
CA ILE A 45 -24.31 -15.60 16.83
C ILE A 45 -23.55 -16.90 16.99
N ARG A 46 -24.14 -17.83 17.75
CA ARG A 46 -23.69 -19.21 17.72
C ARG A 46 -24.90 -20.01 17.30
N LEU A 47 -24.93 -20.36 16.03
CA LEU A 47 -26.09 -21.02 15.43
C LEU A 47 -25.86 -22.50 15.47
N THR A 48 -26.80 -23.22 16.07
CA THR A 48 -26.67 -24.66 16.26
C THR A 48 -27.90 -25.30 15.62
N MET A 49 -27.66 -26.26 14.73
CA MET A 49 -28.71 -26.99 14.10
C MET A 49 -28.47 -28.46 14.26
N LYS A 50 -29.50 -29.13 14.79
CA LYS A 50 -29.56 -30.61 14.83
C LYS A 50 -30.58 -31.00 13.76
N LEU A 51 -30.13 -31.84 12.84
CA LEU A 51 -30.88 -32.13 11.63
C LEU A 51 -31.23 -33.64 11.50
N ASP A 52 -32.36 -33.89 10.84
CA ASP A 52 -32.88 -35.20 10.57
C ASP A 52 -32.72 -35.43 9.06
N GLY A 53 -31.49 -35.73 8.65
CA GLY A 53 -31.16 -35.94 7.23
C GLY A 53 -31.06 -34.61 6.51
N ASP A 54 -32.06 -34.26 5.69
CA ASP A 54 -31.99 -33.05 4.85
C ASP A 54 -32.80 -31.88 5.35
N ILE A 55 -33.37 -32.03 6.55
CA ILE A 55 -34.20 -31.04 7.18
C ILE A 55 -33.55 -30.66 8.50
N VAL A 56 -33.89 -29.51 9.05
CA VAL A 56 -33.35 -29.11 10.35
C VAL A 56 -34.45 -29.37 11.33
N GLU A 57 -34.30 -30.46 12.08
CA GLU A 57 -35.33 -30.83 13.11
C GLU A 57 -35.47 -29.74 14.18
N ASP A 58 -34.34 -29.27 14.67
CA ASP A 58 -34.38 -28.13 15.57
C ASP A 58 -33.21 -27.21 15.27
N ALA A 59 -33.49 -25.92 15.28
CA ALA A 59 -32.48 -24.89 15.14
C ALA A 59 -32.63 -23.90 16.26
N LYS A 60 -31.52 -23.63 16.92
CA LYS A 60 -31.45 -22.72 18.06
C LYS A 60 -30.20 -21.85 17.87
N PHE A 61 -30.17 -20.76 18.61
CA PHE A 61 -29.06 -19.82 18.55
C PHE A 61 -28.91 -19.15 19.90
N GLU A 62 -27.70 -18.77 20.24
CA GLU A 62 -27.45 -17.82 21.32
C GLU A 62 -26.48 -16.77 20.80
N GLY A 63 -26.65 -15.53 21.23
CA GLY A 63 -25.79 -14.46 20.78
C GLY A 63 -25.99 -13.21 21.58
N GLU A 64 -25.31 -12.16 21.15
CA GLU A 64 -25.48 -10.82 21.73
C GLU A 64 -25.32 -9.84 20.59
N GLY A 65 -26.27 -8.91 20.46
CA GLY A 65 -26.14 -7.91 19.42
C GLY A 65 -27.37 -7.04 19.32
N CYS A 66 -27.40 -6.27 18.24
CA CYS A 66 -28.47 -5.32 17.99
C CYS A 66 -29.80 -5.97 17.77
N SER A 67 -30.83 -5.11 17.75
CA SER A 67 -32.19 -5.55 17.60
C SER A 67 -32.41 -6.35 16.32
N ILE A 68 -31.87 -5.83 15.21
CA ILE A 68 -32.09 -6.43 13.91
C ILE A 68 -31.39 -7.81 13.82
N SER A 69 -30.15 -7.88 14.28
CA SER A 69 -29.38 -9.16 14.15
C SER A 69 -30.04 -10.26 14.95
N MET A 70 -30.32 -9.98 16.22
CA MET A 70 -30.94 -10.97 17.10
C MET A 70 -32.37 -11.30 16.66
N ALA A 71 -33.11 -10.27 16.25
CA ALA A 71 -34.46 -10.52 15.79
C ALA A 71 -34.48 -11.34 14.51
N SER A 72 -33.55 -11.07 13.59
CA SER A 72 -33.44 -11.84 12.35
C SER A 72 -33.06 -13.28 12.68
N ALA A 73 -32.16 -13.46 13.66
CA ALA A 73 -31.80 -14.82 14.09
C ALA A 73 -32.99 -15.56 14.69
N SER A 74 -33.74 -14.89 15.56
CA SER A 74 -34.91 -15.48 16.19
C SER A 74 -35.95 -15.88 15.14
N MET A 75 -36.38 -14.91 14.32
CA MET A 75 -37.35 -15.17 13.26
C MET A 75 -36.83 -16.26 12.32
N MET A 76 -35.53 -16.22 12.06
CA MET A 76 -34.88 -17.21 11.23
C MET A 76 -35.01 -18.62 11.82
N THR A 77 -34.60 -18.79 13.06
CA THR A 77 -34.66 -20.10 13.70
C THR A 77 -36.08 -20.64 13.74
N GLN A 78 -37.07 -19.75 13.90
CA GLN A 78 -38.46 -20.24 13.92
C GLN A 78 -39.05 -20.47 12.53
N ALA A 79 -38.61 -19.74 11.53
CA ALA A 79 -39.09 -19.97 10.17
C ALA A 79 -38.26 -21.04 9.48
N ILE A 80 -37.21 -21.53 10.15
CA ILE A 80 -36.32 -22.53 9.61
C ILE A 80 -36.34 -23.81 10.47
N LYS A 81 -37.15 -23.83 11.54
CA LYS A 81 -37.46 -25.08 12.26
C LYS A 81 -38.27 -25.95 11.25
N GLY A 82 -37.71 -27.10 10.85
CA GLY A 82 -38.39 -28.01 9.95
C GLY A 82 -38.24 -27.73 8.48
N LYS A 83 -37.32 -26.86 8.11
CA LYS A 83 -37.10 -26.60 6.66
C LYS A 83 -36.64 -27.79 5.85
N ASP A 84 -37.01 -27.72 4.59
CA ASP A 84 -36.84 -28.73 3.57
C ASP A 84 -35.40 -28.79 3.01
N ILE A 85 -35.26 -28.93 1.69
CA ILE A 85 -33.97 -29.23 1.05
C ILE A 85 -33.08 -27.94 0.96
N GLU A 86 -32.16 -27.91 0.01
CA GLU A 86 -31.39 -26.72 -0.29
C GLU A 86 -32.24 -25.58 -0.82
N THR A 87 -33.55 -25.77 -0.75
CA THR A 87 -34.52 -24.70 -0.77
C THR A 87 -34.21 -23.68 0.33
N ALA A 88 -33.56 -24.12 1.42
CA ALA A 88 -33.08 -23.20 2.43
C ALA A 88 -32.10 -22.19 1.85
N LEU A 89 -31.18 -22.68 1.00
CA LEU A 89 -30.30 -21.81 0.27
C LEU A 89 -31.08 -20.89 -0.68
N SER A 90 -32.18 -21.41 -1.24
CA SER A 90 -33.03 -20.58 -2.09
C SER A 90 -33.67 -19.46 -1.27
N MET A 91 -34.09 -19.77 -0.04
CA MET A 91 -34.56 -18.73 0.86
C MET A 91 -33.46 -17.70 1.12
N SER A 92 -32.24 -18.17 1.34
CA SER A 92 -31.13 -17.26 1.60
C SER A 92 -30.92 -16.29 0.43
N LYS A 93 -30.94 -16.81 -0.80
CA LYS A 93 -30.76 -15.94 -2.00
C LYS A 93 -31.94 -14.97 -2.09
N ILE A 94 -33.16 -15.45 -1.80
CA ILE A 94 -34.33 -14.58 -1.82
C ILE A 94 -34.16 -13.45 -0.79
N PHE A 95 -33.67 -13.79 0.41
CA PHE A 95 -33.47 -12.78 1.47
C PHE A 95 -32.44 -11.76 1.00
N SER A 96 -31.34 -12.23 0.38
CA SER A 96 -30.27 -11.32 -0.07
C SER A 96 -30.80 -10.38 -1.15
N ASP A 97 -31.62 -10.90 -2.06
CA ASP A 97 -32.28 -10.03 -3.04
C ASP A 97 -33.23 -9.08 -2.37
N MET A 98 -33.92 -9.54 -1.32
CA MET A 98 -34.87 -8.70 -0.60
C MET A 98 -34.16 -7.50 0.02
N MET A 99 -32.91 -7.68 0.44
CA MET A 99 -32.18 -6.58 1.05
C MET A 99 -31.54 -5.68 0.04
N GLN A 100 -31.44 -6.12 -1.21
CA GLN A 100 -30.99 -5.25 -2.31
C GLN A 100 -32.15 -4.59 -3.04
N GLY A 101 -33.34 -4.60 -2.44
CA GLY A 101 -34.49 -3.94 -3.04
C GLY A 101 -35.28 -4.73 -4.06
N LYS A 102 -34.66 -5.71 -4.74
CA LYS A 102 -35.30 -6.41 -5.88
C LYS A 102 -36.41 -7.32 -5.32
N GLU A 103 -37.47 -7.50 -6.12
CA GLU A 103 -38.54 -8.41 -5.75
C GLU A 103 -38.11 -9.87 -5.93
N TYR A 104 -38.83 -10.77 -5.31
CA TYR A 104 -38.45 -12.19 -5.30
C TYR A 104 -39.58 -13.10 -5.74
N ASP A 105 -39.35 -14.41 -5.68
CA ASP A 105 -40.35 -15.44 -5.96
C ASP A 105 -41.11 -15.60 -4.63
N ASP A 106 -42.00 -14.63 -4.43
CA ASP A 106 -42.75 -14.41 -3.21
C ASP A 106 -43.67 -15.58 -2.86
N SER A 107 -43.67 -15.92 -1.57
CA SER A 107 -44.46 -16.98 -0.97
C SER A 107 -44.05 -18.41 -1.39
N ILE A 108 -42.92 -18.87 -0.86
CA ILE A 108 -42.52 -20.28 -0.77
C ILE A 108 -42.54 -20.43 0.77
N ASP A 109 -43.76 -20.24 1.31
CA ASP A 109 -44.02 -20.02 2.70
C ASP A 109 -43.33 -18.77 3.22
N LEU A 110 -41.99 -18.82 3.35
CA LEU A 110 -41.21 -17.65 3.79
C LEU A 110 -41.78 -17.07 5.07
N GLY A 111 -42.08 -17.98 5.99
CA GLY A 111 -42.65 -17.65 7.27
C GLY A 111 -42.09 -16.39 7.92
N ASP A 112 -42.98 -15.45 8.10
CA ASP A 112 -42.82 -14.37 9.11
C ASP A 112 -41.84 -13.36 8.54
N ILE A 113 -40.85 -12.93 9.32
CA ILE A 113 -39.79 -12.00 8.83
C ILE A 113 -40.37 -10.86 7.99
N GLU A 114 -40.06 -10.92 6.71
CA GLU A 114 -40.39 -9.93 5.69
C GLU A 114 -40.33 -8.48 6.10
N ALA A 115 -40.72 -8.22 7.34
CA ALA A 115 -40.57 -6.87 7.92
C ALA A 115 -39.11 -6.39 7.82
N LEU A 116 -38.18 -7.33 7.61
CA LEU A 116 -36.78 -6.95 7.42
C LEU A 116 -36.63 -6.35 6.03
N GLN A 117 -37.74 -6.37 5.25
CA GLN A 117 -37.83 -5.65 3.99
C GLN A 117 -37.41 -4.22 4.23
N GLY A 118 -37.77 -3.69 5.40
CA GLY A 118 -37.49 -2.28 5.68
C GLY A 118 -36.02 -1.92 5.67
N VAL A 119 -35.14 -2.86 5.98
CA VAL A 119 -33.72 -2.45 5.99
C VAL A 119 -33.12 -2.60 4.62
N SER A 120 -33.96 -2.66 3.60
CA SER A 120 -33.48 -2.27 2.25
C SER A 120 -33.09 -0.78 2.28
N LYS A 121 -33.71 -0.03 3.17
CA LYS A 121 -33.23 1.26 3.59
C LYS A 121 -32.27 1.01 4.73
N PHE A 122 -31.58 2.05 5.21
CA PHE A 122 -30.50 1.91 6.24
C PHE A 122 -29.60 0.75 5.84
N PRO A 123 -28.90 0.88 4.70
CA PRO A 123 -28.08 -0.24 4.24
C PRO A 123 -26.98 -0.63 5.21
N ALA A 124 -26.57 0.29 6.07
CA ALA A 124 -25.59 0.02 7.10
C ALA A 124 -26.05 -1.10 8.05
N ARG A 125 -27.31 -1.49 7.98
CA ARG A 125 -27.78 -2.60 8.81
C ARG A 125 -28.04 -3.89 8.06
N ILE A 126 -27.82 -3.90 6.75
CA ILE A 126 -28.02 -5.13 5.94
C ILE A 126 -27.25 -6.28 6.61
N LYS A 127 -25.98 -6.05 6.92
CA LYS A 127 -25.13 -7.06 7.53
C LYS A 127 -25.69 -7.55 8.85
N CYS A 128 -26.26 -6.64 9.62
CA CYS A 128 -26.95 -6.98 10.86
C CYS A 128 -27.99 -8.09 10.59
N ALA A 129 -28.87 -7.85 9.62
CA ALA A 129 -29.93 -8.82 9.32
C ALA A 129 -29.37 -10.06 8.65
N THR A 130 -28.22 -9.98 7.98
CA THR A 130 -27.77 -11.14 7.17
C THR A 130 -26.95 -12.11 7.99
N LEU A 131 -26.37 -11.66 9.10
CA LEU A 131 -25.58 -12.48 10.02
C LEU A 131 -26.15 -13.88 10.19
N SER A 132 -27.35 -13.99 10.76
CA SER A 132 -28.01 -15.26 10.93
C SER A 132 -27.92 -16.10 9.62
N TRP A 133 -28.40 -15.51 8.53
CA TRP A 133 -28.45 -16.23 7.26
C TRP A 133 -27.03 -16.56 6.78
N LYS A 134 -26.07 -15.67 7.01
CA LYS A 134 -24.70 -15.99 6.65
C LYS A 134 -24.25 -17.25 7.38
N ALA A 135 -24.59 -17.36 8.66
CA ALA A 135 -24.27 -18.58 9.43
C ALA A 135 -24.82 -19.81 8.73
N LEU A 136 -26.06 -19.74 8.24
CA LEU A 136 -26.69 -20.91 7.62
C LEU A 136 -25.87 -21.35 6.41
N GLU A 137 -25.40 -20.38 5.62
CA GLU A 137 -24.73 -20.71 4.39
C GLU A 137 -23.37 -21.36 4.64
N LYS A 138 -22.76 -21.09 5.79
CA LYS A 138 -21.52 -21.78 6.14
C LYS A 138 -21.81 -23.10 6.83
N GLY A 139 -23.01 -23.19 7.43
CA GLY A 139 -23.43 -24.43 8.08
C GLY A 139 -23.51 -25.60 7.11
N VAL A 140 -24.01 -25.32 5.90
CA VAL A 140 -24.22 -26.31 4.84
C VAL A 140 -22.98 -26.50 3.99
N ALA A 141 -21.96 -25.67 4.21
CA ALA A 141 -20.82 -25.66 3.28
C ALA A 141 -19.91 -26.89 3.60
N LYS A 142 -20.36 -28.04 3.07
CA LYS A 142 -19.74 -29.36 3.20
C LYS A 142 -19.28 -29.69 4.64
N HIS B 3 -13.63 2.70 -34.21
CA HIS B 3 -12.99 2.20 -32.95
C HIS B 3 -12.30 3.31 -32.11
N MET B 4 -11.00 3.22 -31.87
CA MET B 4 -10.30 4.22 -31.05
C MET B 4 -10.09 5.52 -31.79
N ASN B 5 -10.73 6.58 -31.32
CA ASN B 5 -10.40 7.90 -31.81
C ASN B 5 -9.31 8.47 -30.92
N ILE B 6 -8.08 8.51 -31.42
CA ILE B 6 -6.93 8.93 -30.60
C ILE B 6 -7.03 10.36 -30.09
N THR B 7 -7.61 11.24 -30.88
CA THR B 7 -7.76 12.63 -30.46
C THR B 7 -8.66 12.73 -29.20
N ASP B 8 -9.81 12.06 -29.24
CA ASP B 8 -10.71 12.02 -28.10
C ASP B 8 -10.03 11.36 -26.89
N ILE B 9 -9.29 10.28 -27.13
CA ILE B 9 -8.60 9.58 -26.05
C ILE B 9 -7.59 10.51 -25.37
N ARG B 10 -6.73 11.15 -26.15
CA ARG B 10 -5.73 12.05 -25.60
C ARG B 10 -6.34 13.24 -24.88
N GLU B 11 -7.47 13.72 -25.39
CA GLU B 11 -8.11 14.89 -24.78
C GLU B 11 -8.43 14.65 -23.28
N GLN B 12 -8.64 13.40 -22.89
CA GLN B 12 -9.00 13.08 -21.53
C GLN B 12 -7.81 13.01 -20.56
N PHE B 13 -6.57 13.18 -21.05
CA PHE B 13 -5.39 13.03 -20.21
C PHE B 13 -4.71 14.38 -20.08
N PRO B 14 -5.04 15.15 -19.00
CA PRO B 14 -4.57 16.54 -18.92
C PRO B 14 -3.06 16.68 -18.98
N ILE B 15 -2.36 15.70 -18.38
CA ILE B 15 -0.90 15.73 -18.24
C ILE B 15 -0.20 15.71 -19.61
N LEU B 16 -0.87 15.23 -20.64
CA LEU B 16 -0.28 15.15 -21.96
C LEU B 16 -0.14 16.52 -22.61
N HIS B 17 -1.01 17.45 -22.24
CA HIS B 17 -1.09 18.75 -22.92
C HIS B 17 -0.29 19.81 -22.17
N GLN B 18 1.03 19.66 -22.22
CA GLN B 18 1.95 20.62 -21.66
C GLN B 18 3.24 20.64 -22.47
N GLN B 19 4.10 21.60 -22.15
CA GLN B 19 5.41 21.74 -22.76
C GLN B 19 6.51 21.30 -21.80
N VAL B 20 7.57 20.73 -22.35
CA VAL B 20 8.78 20.38 -21.63
C VAL B 20 9.95 20.86 -22.46
N ASN B 21 10.70 21.84 -21.95
CA ASN B 21 11.86 22.45 -22.63
C ASN B 21 11.45 22.99 -24.02
N GLY B 22 10.35 23.75 -24.02
CA GLY B 22 9.80 24.36 -25.23
C GLY B 22 9.31 23.39 -26.30
N HIS B 23 9.09 22.13 -25.96
CA HIS B 23 8.54 21.14 -26.88
C HIS B 23 7.27 20.53 -26.30
N ASP B 24 6.36 20.16 -27.18
CA ASP B 24 5.17 19.37 -26.80
C ASP B 24 5.64 18.07 -26.12
N LEU B 25 5.08 17.77 -24.95
CA LEU B 25 5.43 16.52 -24.25
C LEU B 25 5.18 15.30 -25.14
N VAL B 26 6.17 14.43 -25.22
CA VAL B 26 6.05 13.14 -25.89
C VAL B 26 6.34 12.07 -24.85
N TYR B 27 5.29 11.59 -24.19
CA TYR B 27 5.43 10.63 -23.10
C TYR B 27 5.48 9.23 -23.64
N LEU B 28 6.66 8.59 -23.62
CA LEU B 28 6.77 7.20 -24.05
C LEU B 28 7.42 6.38 -22.94
N ASP B 29 6.85 6.48 -21.74
CA ASP B 29 7.33 5.75 -20.59
C ASP B 29 6.19 5.08 -19.83
N SER B 30 5.14 4.66 -20.53
CA SER B 30 3.99 4.04 -19.89
C SER B 30 4.32 2.69 -19.25
N ALA B 31 5.38 2.03 -19.72
CA ALA B 31 5.85 0.78 -19.11
C ALA B 31 6.43 1.01 -17.72
N ALA B 32 6.91 2.21 -17.43
CA ALA B 32 7.28 2.57 -16.07
C ALA B 32 6.02 2.93 -15.26
N THR B 33 5.18 3.81 -15.83
CA THR B 33 3.87 4.13 -15.26
C THR B 33 3.02 4.82 -16.29
N SER B 34 1.71 4.67 -16.15
CA SER B 34 0.71 5.28 -17.01
C SER B 34 0.18 6.56 -16.47
N GLN B 35 -0.38 7.35 -17.38
CA GLN B 35 -1.06 8.58 -16.99
C GLN B 35 -2.55 8.28 -16.79
N LYS B 36 -3.27 9.26 -16.20
CA LYS B 36 -4.62 9.01 -15.77
C LYS B 36 -5.61 9.89 -16.54
N PRO B 37 -6.75 9.32 -16.93
CA PRO B 37 -7.78 10.14 -17.59
C PRO B 37 -8.55 10.90 -16.54
N ARG B 38 -9.30 11.92 -16.98
CA ARG B 38 -10.15 12.72 -16.09
C ARG B 38 -11.11 11.86 -15.27
N ALA B 39 -11.58 10.76 -15.87
CA ALA B 39 -12.49 9.81 -15.21
C ALA B 39 -11.94 9.39 -13.84
N VAL B 40 -10.69 8.96 -13.85
CA VAL B 40 -10.06 8.41 -12.66
C VAL B 40 -9.79 9.51 -11.63
N ILE B 41 -9.15 10.60 -12.06
CA ILE B 41 -8.81 11.68 -11.16
C ILE B 41 -10.10 12.22 -10.48
N GLU B 42 -11.16 12.37 -11.27
CA GLU B 42 -12.43 12.85 -10.74
C GLU B 42 -13.08 11.83 -9.83
N THR B 43 -12.85 10.54 -10.08
CA THR B 43 -13.29 9.50 -9.12
C THR B 43 -12.66 9.76 -7.75
N LEU B 44 -11.36 10.01 -7.74
CA LEU B 44 -10.67 10.30 -6.48
C LEU B 44 -11.20 11.60 -5.84
N ASP B 45 -11.39 12.63 -6.67
CA ASP B 45 -11.96 13.88 -6.20
C ASP B 45 -13.29 13.66 -5.51
N LYS B 46 -14.19 12.94 -6.20
CA LYS B 46 -15.55 12.71 -5.69
C LYS B 46 -15.50 11.89 -4.41
N TYR B 47 -14.60 10.92 -4.33
CA TYR B 47 -14.44 10.14 -3.10
C TYR B 47 -14.08 11.05 -1.94
N TYR B 48 -13.01 11.85 -2.09
CA TYR B 48 -12.57 12.65 -0.97
C TYR B 48 -13.50 13.84 -0.69
N ASN B 49 -14.29 14.24 -1.68
CA ASN B 49 -15.20 15.37 -1.53
C ASN B 49 -16.57 15.00 -0.99
N GLN B 50 -16.99 13.75 -1.17
CA GLN B 50 -18.40 13.44 -0.89
C GLN B 50 -18.66 12.34 0.08
N TYR B 51 -17.85 11.26 0.05
CA TYR B 51 -18.21 10.10 0.86
C TYR B 51 -17.04 9.36 1.48
N ASN B 52 -15.88 10.02 1.67
CA ASN B 52 -14.80 9.42 2.43
C ASN B 52 -15.27 9.08 3.86
N SER B 53 -15.03 7.81 4.24
CA SER B 53 -15.28 7.25 5.57
C SER B 53 -14.65 5.90 5.61
N ASN B 54 -14.49 5.36 6.81
CA ASN B 54 -13.90 4.04 6.90
C ASN B 54 -14.89 2.97 6.44
N VAL B 55 -14.37 1.83 6.01
CA VAL B 55 -15.16 0.82 5.34
C VAL B 55 -15.41 -0.40 6.21
N HIS B 56 -16.47 -1.12 5.87
CA HIS B 56 -16.89 -2.42 6.48
C HIS B 56 -17.47 -2.27 7.88
N ARG B 57 -16.63 -2.30 8.92
CA ARG B 57 -16.98 -1.80 10.23
C ARG B 57 -17.29 -0.30 10.11
N GLY B 58 -18.59 -0.02 10.18
CA GLY B 58 -19.16 1.28 9.87
C GLY B 58 -20.64 1.15 10.12
N VAL B 59 -21.28 2.25 10.48
CA VAL B 59 -22.71 2.21 10.78
C VAL B 59 -23.45 3.40 10.18
N HIS B 60 -22.73 4.40 9.66
CA HIS B 60 -23.36 5.61 9.17
C HIS B 60 -23.36 5.67 7.64
N THR B 61 -24.13 6.62 7.11
CA THR B 61 -24.41 6.74 5.69
C THR B 61 -23.15 6.77 4.82
N LEU B 62 -22.25 7.68 5.13
CA LEU B 62 -21.02 7.85 4.36
C LEU B 62 -20.18 6.56 4.42
N GLY B 63 -20.17 5.91 5.58
CA GLY B 63 -19.50 4.64 5.71
C GLY B 63 -20.06 3.59 4.75
N THR B 64 -21.38 3.53 4.66
CA THR B 64 -22.00 2.63 3.70
C THR B 64 -21.61 2.99 2.26
N ARG B 65 -21.62 4.26 1.91
CA ARG B 65 -21.24 4.69 0.54
C ARG B 65 -19.79 4.26 0.22
N ALA B 66 -18.86 4.55 1.14
CA ALA B 66 -17.45 4.19 0.93
C ALA B 66 -17.27 2.65 0.82
N THR B 67 -17.99 1.90 1.67
CA THR B 67 -17.90 0.44 1.66
C THR B 67 -18.44 -0.12 0.33
N ASP B 68 -19.62 0.33 -0.09
CA ASP B 68 -20.17 -0.08 -1.37
C ASP B 68 -19.19 0.26 -2.51
N GLY B 69 -18.53 1.42 -2.43
CA GLY B 69 -17.54 1.79 -3.47
C GLY B 69 -16.39 0.79 -3.52
N TYR B 70 -15.80 0.50 -2.35
CA TYR B 70 -14.63 -0.40 -2.26
C TYR B 70 -14.99 -1.81 -2.76
N GLU B 71 -16.07 -2.38 -2.24
CA GLU B 71 -16.45 -3.73 -2.65
C GLU B 71 -16.93 -3.79 -4.10
N GLY B 72 -17.57 -2.72 -4.58
CA GLY B 72 -17.94 -2.66 -6.00
C GLY B 72 -16.69 -2.65 -6.89
N ALA B 73 -15.64 -1.97 -6.44
CA ALA B 73 -14.37 -2.01 -7.17
C ALA B 73 -13.81 -3.43 -7.19
N ARG B 74 -13.93 -4.13 -6.07
CA ARG B 74 -13.50 -5.55 -6.04
C ARG B 74 -14.26 -6.36 -7.09
N GLU B 75 -15.57 -6.16 -7.16
CA GLU B 75 -16.36 -6.86 -8.17
C GLU B 75 -15.93 -6.48 -9.58
N LYS B 76 -15.63 -5.20 -9.80
CA LYS B 76 -15.18 -4.75 -11.12
C LYS B 76 -13.88 -5.43 -11.52
N VAL B 77 -12.95 -5.56 -10.58
CA VAL B 77 -11.68 -6.25 -10.86
C VAL B 77 -11.97 -7.72 -11.21
N ARG B 78 -12.81 -8.37 -10.39
CA ARG B 78 -13.13 -9.77 -10.64
C ARG B 78 -13.64 -9.98 -12.07
N LYS B 79 -14.55 -9.12 -12.51
CA LYS B 79 -15.04 -9.24 -13.89
C LYS B 79 -13.97 -8.88 -14.89
N PHE B 80 -13.14 -7.89 -14.56
CA PHE B 80 -12.12 -7.41 -15.49
C PHE B 80 -11.15 -8.54 -15.88
N ILE B 81 -10.76 -9.35 -14.91
CA ILE B 81 -9.82 -10.46 -15.17
C ILE B 81 -10.53 -11.82 -15.24
N ASN B 82 -11.86 -11.83 -15.14
CA ASN B 82 -12.64 -13.05 -15.29
C ASN B 82 -12.29 -14.11 -14.24
N ALA B 83 -12.16 -13.67 -12.97
CA ALA B 83 -11.99 -14.60 -11.87
C ALA B 83 -13.35 -15.18 -11.48
N LYS B 84 -13.38 -16.45 -11.07
CA LYS B 84 -14.64 -17.13 -10.76
C LYS B 84 -15.42 -16.43 -9.64
N SER B 85 -14.69 -15.96 -8.62
CA SER B 85 -15.29 -15.45 -7.43
C SER B 85 -14.55 -14.24 -6.89
N MET B 86 -15.28 -13.39 -6.20
CA MET B 86 -14.71 -12.26 -5.46
C MET B 86 -13.75 -12.70 -4.37
N ALA B 87 -13.96 -13.91 -3.87
CA ALA B 87 -13.08 -14.53 -2.87
C ALA B 87 -11.63 -14.63 -3.36
N GLU B 88 -11.41 -14.58 -4.66
CA GLU B 88 -10.09 -14.75 -5.24
C GLU B 88 -9.46 -13.42 -5.70
N ILE B 89 -10.04 -12.29 -5.31
CA ILE B 89 -9.51 -10.96 -5.64
C ILE B 89 -9.06 -10.28 -4.36
N ILE B 90 -7.76 -10.08 -4.22
CA ILE B 90 -7.19 -9.43 -3.04
C ILE B 90 -6.57 -8.11 -3.46
N PHE B 91 -6.96 -7.05 -2.78
CA PHE B 91 -6.35 -5.74 -3.02
C PHE B 91 -5.02 -5.65 -2.28
N THR B 92 -3.97 -5.25 -3.01
CA THR B 92 -2.65 -5.13 -2.42
C THR B 92 -2.06 -3.76 -2.71
N LYS B 93 -0.84 -3.52 -2.29
CA LYS B 93 -0.09 -2.29 -2.58
C LYS B 93 0.37 -2.22 -4.03
N GLY B 94 0.56 -3.37 -4.66
CA GLY B 94 1.04 -3.43 -6.03
C GLY B 94 1.52 -4.83 -6.37
N THR B 95 1.98 -4.96 -7.62
CA THR B 95 2.48 -6.25 -8.12
C THR B 95 3.59 -6.81 -7.21
N THR B 96 4.47 -5.93 -6.73
CA THR B 96 5.58 -6.33 -5.87
C THR B 96 5.05 -7.00 -4.58
N THR B 97 4.10 -6.32 -3.94
CA THR B 97 3.50 -6.83 -2.71
C THR B 97 2.74 -8.14 -2.99
N SER B 98 2.05 -8.22 -4.11
CA SER B 98 1.32 -9.43 -4.47
C SER B 98 2.29 -10.65 -4.60
N LEU B 99 3.35 -10.47 -5.39
CA LEU B 99 4.32 -11.53 -5.57
C LEU B 99 4.99 -11.90 -4.24
N ASN B 100 5.27 -10.89 -3.40
CA ASN B 100 5.88 -11.17 -2.11
C ASN B 100 4.91 -11.94 -1.21
N MET B 101 3.60 -11.65 -1.31
CA MET B 101 2.62 -12.43 -0.55
C MET B 101 2.61 -13.89 -0.98
N VAL B 102 2.72 -14.13 -2.29
CA VAL B 102 2.79 -15.51 -2.76
C VAL B 102 4.05 -16.19 -2.19
N ALA B 103 5.18 -15.48 -2.27
CA ALA B 103 6.44 -16.06 -1.77
C ALA B 103 6.41 -16.31 -0.26
N LEU B 104 5.78 -15.41 0.49
CA LEU B 104 5.70 -15.54 1.96
C LEU B 104 4.74 -16.62 2.39
N SER B 105 3.51 -16.54 1.90
CA SER B 105 2.41 -17.36 2.42
C SER B 105 2.32 -18.71 1.73
N TYR B 106 2.57 -18.75 0.42
CA TYR B 106 2.51 -20.03 -0.26
C TYR B 106 3.87 -20.72 -0.32
N ALA B 107 4.88 -20.04 -0.85
CA ALA B 107 6.15 -20.70 -1.19
C ALA B 107 6.84 -21.32 0.02
N ARG B 108 6.90 -20.59 1.11
CA ARG B 108 7.62 -21.03 2.29
C ARG B 108 6.92 -22.16 3.01
N ALA B 109 5.62 -22.33 2.78
CA ALA B 109 4.85 -23.43 3.36
C ALA B 109 4.81 -24.67 2.46
N ASN B 110 5.30 -24.57 1.22
CA ASN B 110 5.20 -25.69 0.28
C ASN B 110 6.52 -25.98 -0.43
N LEU B 111 7.62 -25.49 0.15
CA LEU B 111 8.97 -25.85 -0.30
C LEU B 111 9.66 -26.57 0.85
N LYS B 112 10.28 -27.74 0.48
CA LYS B 112 11.17 -28.51 1.34
C LYS B 112 12.44 -28.71 0.53
N PRO B 113 13.53 -29.26 1.11
CA PRO B 113 14.66 -29.54 0.29
C PRO B 113 14.35 -30.53 -0.84
N GLY B 114 14.92 -30.28 -2.02
CA GLY B 114 14.60 -31.06 -3.22
C GLY B 114 13.60 -30.41 -4.13
N ASP B 115 12.71 -29.59 -3.58
CA ASP B 115 11.76 -28.82 -4.39
C ASP B 115 12.48 -27.77 -5.23
N GLU B 116 11.84 -27.39 -6.32
CA GLU B 116 12.41 -26.40 -7.24
C GLU B 116 11.41 -25.29 -7.49
N VAL B 117 11.93 -24.06 -7.55
CA VAL B 117 11.22 -22.92 -8.09
C VAL B 117 11.84 -22.59 -9.43
N VAL B 118 11.00 -22.51 -10.46
CA VAL B 118 11.45 -22.34 -11.82
C VAL B 118 11.00 -20.97 -12.32
N ILE B 119 11.96 -20.11 -12.66
CA ILE B 119 11.69 -18.79 -13.17
C ILE B 119 12.37 -18.60 -14.54
N THR B 120 12.45 -17.34 -14.98
CA THR B 120 12.97 -16.99 -16.31
C THR B 120 14.12 -15.99 -16.18
N TYR B 121 15.01 -16.04 -17.17
CA TYR B 121 16.05 -15.03 -17.32
C TYR B 121 15.51 -13.60 -17.54
N MET B 122 14.32 -13.48 -18.13
CA MET B 122 13.76 -12.17 -18.44
C MET B 122 13.03 -11.51 -17.28
N GLU B 123 13.00 -12.14 -16.10
CA GLU B 123 12.08 -11.73 -15.07
C GLU B 123 12.41 -10.36 -14.49
N HIS B 124 11.36 -9.61 -14.19
CA HIS B 124 11.46 -8.39 -13.39
C HIS B 124 12.00 -8.73 -11.99
N HIS B 125 12.72 -7.84 -11.35
CA HIS B 125 13.24 -8.13 -9.98
C HIS B 125 12.16 -8.52 -9.02
N ALA B 126 10.98 -7.92 -9.16
CA ALA B 126 9.82 -8.29 -8.35
C ALA B 126 9.51 -9.79 -8.45
N ASN B 127 9.75 -10.38 -9.61
CA ASN B 127 9.53 -11.80 -9.83
C ASN B 127 10.82 -12.62 -9.75
N ILE B 128 11.82 -12.12 -9.07
CA ILE B 128 13.06 -12.85 -8.87
C ILE B 128 13.44 -12.95 -7.41
N ILE B 129 13.59 -11.81 -6.77
CA ILE B 129 14.17 -11.74 -5.40
C ILE B 129 13.32 -12.45 -4.35
N PRO B 130 11.98 -12.29 -4.37
CA PRO B 130 11.19 -13.02 -3.39
C PRO B 130 11.47 -14.53 -3.41
N TRP B 131 11.53 -15.09 -4.61
CA TRP B 131 11.80 -16.52 -4.75
C TRP B 131 13.19 -16.85 -4.25
N GLN B 132 14.18 -16.02 -4.61
CA GLN B 132 15.53 -16.15 -4.06
C GLN B 132 15.46 -16.27 -2.54
N GLN B 133 14.70 -15.40 -1.89
CA GLN B 133 14.62 -15.49 -0.45
C GLN B 133 13.88 -16.74 -0.01
N ALA B 134 12.78 -17.06 -0.68
CA ALA B 134 11.95 -18.20 -0.29
C ALA B 134 12.75 -19.52 -0.34
N VAL B 135 13.35 -19.81 -1.49
CA VAL B 135 14.21 -21.00 -1.62
C VAL B 135 15.24 -21.05 -0.50
N LYS B 136 15.83 -19.89 -0.20
CA LYS B 136 16.96 -19.88 0.75
C LYS B 136 16.46 -20.14 2.16
N ALA B 137 15.21 -19.76 2.42
CA ALA B 137 14.61 -20.06 3.72
C ALA B 137 14.17 -21.51 3.82
N THR B 138 13.90 -22.17 2.71
CA THR B 138 13.35 -23.54 2.74
C THR B 138 14.35 -24.59 2.33
N GLY B 139 15.53 -24.20 1.80
CA GLY B 139 16.50 -25.17 1.30
C GLY B 139 16.15 -25.69 -0.08
N ALA B 140 15.22 -25.06 -0.80
CA ALA B 140 14.81 -25.51 -2.12
C ALA B 140 15.80 -25.00 -3.15
N THR B 141 15.46 -25.10 -4.43
CA THR B 141 16.38 -24.74 -5.49
C THR B 141 15.74 -23.85 -6.51
N LEU B 142 16.47 -22.81 -6.92
CA LEU B 142 16.02 -21.90 -7.95
C LEU B 142 16.59 -22.32 -9.30
N LYS B 143 15.73 -22.42 -10.30
CA LYS B 143 16.14 -22.82 -11.66
C LYS B 143 15.59 -21.84 -12.68
N TYR B 144 16.37 -21.62 -13.73
CA TYR B 144 16.06 -20.63 -14.75
C TYR B 144 15.78 -21.30 -16.09
N ILE B 145 14.61 -21.04 -16.66
CA ILE B 145 14.28 -21.46 -18.04
C ILE B 145 15.14 -20.65 -19.02
N PRO B 146 15.92 -21.29 -19.90
CA PRO B 146 16.75 -20.50 -20.81
C PRO B 146 15.94 -19.86 -21.93
N LEU B 147 16.54 -18.89 -22.59
CA LEU B 147 15.88 -18.10 -23.64
C LEU B 147 16.50 -18.32 -24.97
N GLN B 148 15.68 -18.18 -26.03
CA GLN B 148 16.12 -18.21 -27.40
C GLN B 148 16.87 -16.94 -27.75
N GLU B 149 17.62 -16.98 -28.86
CA GLU B 149 18.40 -15.86 -29.37
C GLU B 149 17.61 -14.57 -29.51
N ASP B 150 16.37 -14.72 -29.93
CA ASP B 150 15.48 -13.61 -30.15
C ASP B 150 14.78 -13.16 -28.87
N GLY B 151 15.13 -13.76 -27.73
CA GLY B 151 14.55 -13.36 -26.45
C GLY B 151 13.19 -13.95 -26.13
N THR B 152 12.75 -14.94 -26.90
CA THR B 152 11.55 -15.69 -26.57
C THR B 152 11.92 -16.94 -25.79
N ILE B 153 10.90 -17.56 -25.21
CA ILE B 153 11.06 -18.84 -24.51
C ILE B 153 10.41 -19.92 -25.37
N SER B 154 11.12 -21.04 -25.55
CA SER B 154 10.54 -22.20 -26.22
C SER B 154 9.88 -23.07 -25.19
N LEU B 155 8.68 -23.54 -25.52
CA LEU B 155 7.96 -24.47 -24.69
C LEU B 155 8.79 -25.71 -24.39
N GLU B 156 9.76 -25.99 -25.26
CA GLU B 156 10.53 -27.21 -25.08
C GLU B 156 11.51 -27.05 -23.96
N ASP B 157 12.11 -25.87 -23.91
CA ASP B 157 13.03 -25.53 -22.82
C ASP B 157 12.28 -25.56 -21.49
N VAL B 158 10.99 -25.20 -21.51
CA VAL B 158 10.17 -25.25 -20.30
C VAL B 158 9.97 -26.70 -19.86
N ARG B 159 9.64 -27.55 -20.84
CA ARG B 159 9.44 -28.96 -20.54
C ARG B 159 10.72 -29.60 -20.01
N GLU B 160 11.88 -29.16 -20.54
CA GLU B 160 13.18 -29.64 -20.07
C GLU B 160 13.48 -29.15 -18.67
N THR B 161 13.17 -27.88 -18.39
CA THR B 161 13.53 -27.26 -17.11
C THR B 161 12.61 -27.74 -15.98
N VAL B 162 11.30 -27.73 -16.22
CA VAL B 162 10.33 -28.12 -15.19
C VAL B 162 10.37 -29.65 -15.03
N THR B 163 10.51 -30.10 -13.79
CA THR B 163 10.53 -31.50 -13.47
C THR B 163 9.48 -31.83 -12.42
N SER B 164 9.38 -33.10 -12.05
CA SER B 164 8.46 -33.55 -11.01
C SER B 164 8.76 -32.97 -9.64
N ASN B 165 9.99 -32.47 -9.46
CA ASN B 165 10.39 -31.80 -8.23
C ASN B 165 9.97 -30.33 -8.20
N THR B 166 9.48 -29.79 -9.31
CA THR B 166 9.08 -28.40 -9.36
C THR B 166 7.75 -28.21 -8.64
N LYS B 167 7.72 -27.27 -7.71
CA LYS B 167 6.49 -26.89 -7.02
C LYS B 167 5.92 -25.58 -7.52
N ILE B 168 6.77 -24.66 -7.96
CA ILE B 168 6.35 -23.32 -8.36
C ILE B 168 7.05 -22.94 -9.65
N VAL B 169 6.29 -22.46 -10.61
CA VAL B 169 6.81 -21.85 -11.81
C VAL B 169 6.33 -20.40 -11.83
N ALA B 170 7.25 -19.45 -11.88
CA ALA B 170 6.90 -18.03 -11.89
C ALA B 170 7.44 -17.39 -13.15
N VAL B 171 6.58 -16.65 -13.85
CA VAL B 171 6.93 -16.11 -15.15
C VAL B 171 6.12 -14.86 -15.39
N SER B 172 6.73 -13.86 -16.02
CA SER B 172 6.02 -12.63 -16.41
C SER B 172 5.17 -12.91 -17.64
N HIS B 173 3.96 -12.36 -17.66
CA HIS B 173 3.09 -12.53 -18.82
C HIS B 173 3.68 -11.82 -20.04
N VAL B 174 4.15 -10.58 -19.84
CA VAL B 174 4.83 -9.80 -20.89
C VAL B 174 6.09 -9.21 -20.31
N SER B 175 7.22 -9.35 -21.01
CA SER B 175 8.49 -8.77 -20.58
C SER B 175 8.46 -7.26 -20.76
N ASN B 176 8.87 -6.55 -19.73
CA ASN B 176 8.92 -5.09 -19.80
C ASN B 176 10.14 -4.60 -20.59
N VAL B 177 11.09 -5.50 -20.89
CA VAL B 177 12.29 -5.15 -21.64
C VAL B 177 12.20 -5.65 -23.10
N LEU B 178 11.89 -6.94 -23.27
CA LEU B 178 11.90 -7.56 -24.58
C LEU B 178 10.59 -7.38 -25.34
N GLY B 179 9.51 -7.10 -24.62
CA GLY B 179 8.19 -7.00 -25.25
C GLY B 179 7.58 -8.35 -25.59
N THR B 180 8.22 -9.45 -25.18
CA THR B 180 7.75 -10.78 -25.51
C THR B 180 6.42 -11.09 -24.82
N VAL B 181 5.50 -11.73 -25.54
CA VAL B 181 4.27 -12.22 -24.91
C VAL B 181 4.48 -13.71 -24.66
N ASN B 182 4.67 -14.08 -23.39
CA ASN B 182 5.03 -15.45 -23.04
C ASN B 182 3.83 -16.39 -23.15
N PRO B 183 4.04 -17.65 -23.59
CA PRO B 183 2.92 -18.61 -23.71
C PRO B 183 2.44 -19.11 -22.34
N ILE B 184 1.70 -18.25 -21.65
CA ILE B 184 1.29 -18.51 -20.26
C ILE B 184 0.35 -19.70 -20.16
N LYS B 185 -0.58 -19.87 -21.11
CA LYS B 185 -1.52 -20.99 -21.05
C LYS B 185 -0.79 -22.35 -21.09
N GLU B 186 0.06 -22.51 -22.09
CA GLU B 186 0.83 -23.76 -22.29
C GLU B 186 1.80 -23.95 -21.09
N MET B 187 2.35 -22.86 -20.56
CA MET B 187 3.25 -22.97 -19.41
C MET B 187 2.48 -23.41 -18.16
N ALA B 188 1.26 -22.90 -17.98
CA ALA B 188 0.42 -23.35 -16.88
C ALA B 188 0.13 -24.83 -16.99
N LYS B 189 -0.13 -25.31 -18.21
CA LYS B 189 -0.38 -26.75 -18.42
C LYS B 189 0.89 -27.55 -18.08
N ILE B 190 2.07 -27.08 -18.52
CA ILE B 190 3.31 -27.80 -18.22
C ILE B 190 3.53 -27.85 -16.69
N ALA B 191 3.30 -26.73 -16.02
CA ALA B 191 3.45 -26.69 -14.56
C ALA B 191 2.50 -27.69 -13.89
N HIS B 192 1.25 -27.73 -14.33
CA HIS B 192 0.28 -28.64 -13.71
C HIS B 192 0.61 -30.10 -14.00
N ASP B 193 1.13 -30.40 -15.20
CA ASP B 193 1.53 -31.77 -15.53
C ASP B 193 2.67 -32.26 -14.64
N ASN B 194 3.48 -31.35 -14.09
CA ASN B 194 4.59 -31.72 -13.23
C ASN B 194 4.27 -31.50 -11.74
N GLY B 195 3.01 -31.32 -11.39
CA GLY B 195 2.63 -31.14 -10.00
C GLY B 195 3.01 -29.80 -9.40
N ALA B 196 3.06 -28.76 -10.23
CA ALA B 196 3.46 -27.43 -9.78
C ALA B 196 2.33 -26.43 -10.03
N VAL B 197 2.37 -25.32 -9.29
CA VAL B 197 1.49 -24.18 -9.51
C VAL B 197 2.24 -23.14 -10.31
N ILE B 198 1.51 -22.26 -10.99
CA ILE B 198 2.13 -21.20 -11.79
C ILE B 198 1.71 -19.83 -11.26
N VAL B 199 2.71 -18.97 -11.11
CA VAL B 199 2.54 -17.60 -10.63
C VAL B 199 2.92 -16.68 -11.80
N VAL B 200 1.98 -15.84 -12.19
CA VAL B 200 2.15 -15.00 -13.34
C VAL B 200 2.32 -13.56 -12.89
N ASP B 201 3.47 -12.98 -13.25
CA ASP B 201 3.70 -11.55 -13.12
C ASP B 201 3.00 -10.88 -14.31
N GLY B 202 1.83 -10.32 -14.05
CA GLY B 202 1.03 -9.75 -15.14
C GLY B 202 0.97 -8.23 -15.11
N ALA B 203 2.02 -7.61 -14.57
CA ALA B 203 2.06 -6.13 -14.42
C ALA B 203 2.04 -5.43 -15.76
N GLN B 204 2.69 -6.06 -16.73
CA GLN B 204 2.89 -5.49 -18.04
C GLN B 204 1.86 -5.91 -19.07
N SER B 205 1.10 -6.98 -18.79
CA SER B 205 0.07 -7.45 -19.72
C SER B 205 -1.29 -6.83 -19.45
N THR B 206 -1.75 -6.88 -18.19
CA THR B 206 -3.01 -6.31 -17.72
C THR B 206 -3.38 -4.94 -18.30
N PRO B 207 -2.43 -3.95 -18.37
CA PRO B 207 -2.85 -2.66 -18.93
C PRO B 207 -3.10 -2.66 -20.43
N HIS B 208 -2.57 -3.64 -21.16
CA HIS B 208 -2.49 -3.58 -22.60
C HIS B 208 -3.27 -4.70 -23.30
N MET B 209 -3.74 -5.69 -22.56
CA MET B 209 -4.32 -6.91 -23.08
C MET B 209 -5.46 -7.35 -22.20
N LYS B 210 -6.49 -7.95 -22.81
CA LYS B 210 -7.49 -8.60 -21.97
C LYS B 210 -6.87 -9.76 -21.20
N ILE B 211 -7.26 -9.86 -19.93
CA ILE B 211 -6.83 -10.96 -19.07
C ILE B 211 -8.04 -11.83 -18.75
N ASP B 212 -7.90 -13.13 -18.98
CA ASP B 212 -8.88 -14.13 -18.57
C ASP B 212 -8.17 -15.19 -17.76
N VAL B 213 -8.26 -15.11 -16.44
CA VAL B 213 -7.55 -16.04 -15.57
C VAL B 213 -8.12 -17.45 -15.65
N GLN B 214 -9.39 -17.58 -16.02
CA GLN B 214 -9.98 -18.90 -16.18
C GLN B 214 -9.43 -19.62 -17.40
N ASP B 215 -9.33 -18.90 -18.52
CA ASP B 215 -8.72 -19.50 -19.70
C ASP B 215 -7.23 -19.71 -19.54
N LEU B 216 -6.55 -18.75 -18.94
CA LEU B 216 -5.09 -18.89 -18.67
C LEU B 216 -4.82 -20.02 -17.71
N ASP B 217 -5.77 -20.32 -16.83
CA ASP B 217 -5.61 -21.37 -15.80
C ASP B 217 -4.41 -21.12 -14.92
N CYS B 218 -4.01 -19.86 -14.79
CA CYS B 218 -2.92 -19.51 -13.88
C CYS B 218 -3.39 -19.68 -12.45
N ASP B 219 -2.48 -20.11 -11.59
CA ASP B 219 -2.80 -20.25 -10.14
C ASP B 219 -2.69 -18.92 -9.41
N PHE B 220 -1.75 -18.07 -9.79
CA PHE B 220 -1.66 -16.75 -9.22
C PHE B 220 -1.42 -15.73 -10.33
N PHE B 221 -1.92 -14.52 -10.12
CA PHE B 221 -1.77 -13.45 -11.08
C PHE B 221 -1.61 -12.13 -10.34
N ALA B 222 -0.55 -11.39 -10.64
CA ALA B 222 -0.25 -10.12 -9.97
C ALA B 222 -0.37 -8.95 -10.93
N LEU B 223 -0.96 -7.83 -10.48
CA LEU B 223 -1.08 -6.65 -11.34
C LEU B 223 -0.98 -5.38 -10.52
N SER B 224 -0.64 -4.28 -11.22
CA SER B 224 -0.43 -2.96 -10.61
C SER B 224 -1.36 -1.94 -11.24
N SER B 225 -2.03 -1.16 -10.39
CA SER B 225 -3.01 -0.16 -10.88
C SER B 225 -2.34 0.98 -11.61
N HIS B 226 -1.19 1.43 -11.10
CA HIS B 226 -0.56 2.62 -11.63
C HIS B 226 -0.11 2.47 -13.11
N LYS B 227 -0.07 1.25 -13.61
CA LYS B 227 0.30 0.97 -14.99
C LYS B 227 -0.89 0.87 -15.92
N MET B 228 -2.12 0.89 -15.40
CA MET B 228 -3.31 0.74 -16.22
C MET B 228 -4.25 1.91 -16.01
N CYS B 229 -3.69 3.12 -16.06
CA CYS B 229 -4.44 4.37 -15.89
C CYS B 229 -5.05 4.54 -14.50
N GLY B 230 -4.61 3.73 -13.53
CA GLY B 230 -5.14 3.80 -12.19
C GLY B 230 -4.25 4.50 -11.21
N PRO B 231 -4.75 4.72 -9.99
CA PRO B 231 -3.98 5.39 -8.95
C PRO B 231 -2.74 4.61 -8.54
N THR B 232 -1.74 5.32 -8.06
CA THR B 232 -0.58 4.71 -7.44
C THR B 232 -0.93 3.99 -6.15
N GLY B 233 -0.16 3.01 -5.75
CA GLY B 233 -0.31 2.45 -4.40
C GLY B 233 -1.31 1.34 -4.23
N VAL B 234 -1.93 0.90 -5.31
CA VAL B 234 -2.85 -0.21 -5.25
C VAL B 234 -2.55 -1.18 -6.37
N GLY B 235 -2.76 -2.46 -6.10
CA GLY B 235 -2.62 -3.52 -7.09
C GLY B 235 -3.55 -4.66 -6.74
N VAL B 236 -3.40 -5.79 -7.42
CA VAL B 236 -4.26 -6.94 -7.18
C VAL B 236 -3.40 -8.21 -7.15
N LEU B 237 -3.73 -9.08 -6.21
CA LEU B 237 -3.30 -10.46 -6.21
C LEU B 237 -4.54 -11.33 -6.46
N TYR B 238 -4.51 -12.10 -7.55
CA TYR B 238 -5.49 -13.14 -7.78
C TYR B 238 -4.88 -14.48 -7.48
N GLY B 239 -5.64 -15.34 -6.82
CA GLY B 239 -5.24 -16.73 -6.62
C GLY B 239 -6.46 -17.62 -6.61
N LYS B 240 -6.31 -18.82 -7.15
CA LYS B 240 -7.34 -19.83 -7.10
C LYS B 240 -7.83 -20.00 -5.66
N LYS B 241 -9.15 -19.98 -5.49
CA LYS B 241 -9.79 -19.95 -4.19
C LYS B 241 -9.25 -21.10 -3.28
N ALA B 242 -9.11 -22.29 -3.86
CA ALA B 242 -8.67 -23.45 -3.13
C ALA B 242 -7.25 -23.26 -2.55
N LEU B 243 -6.40 -22.52 -3.26
CA LEU B 243 -5.06 -22.27 -2.76
C LEU B 243 -5.08 -21.17 -1.68
N LEU B 244 -5.84 -20.10 -1.90
CA LEU B 244 -5.95 -19.05 -0.89
C LEU B 244 -6.55 -19.57 0.42
N GLU B 245 -7.45 -20.57 0.32
CA GLU B 245 -8.08 -21.12 1.52
C GLU B 245 -7.05 -21.67 2.50
N ASN B 246 -5.98 -22.28 1.97
CA ASN B 246 -5.00 -22.96 2.81
C ASN B 246 -3.71 -22.18 2.98
N MET B 247 -3.66 -20.94 2.50
CA MET B 247 -2.54 -20.03 2.80
C MET B 247 -2.86 -19.19 4.00
N GLU B 248 -1.85 -19.09 4.88
CA GLU B 248 -1.87 -18.20 6.04
C GLU B 248 -1.85 -16.77 5.55
N PRO B 249 -2.45 -15.83 6.31
CA PRO B 249 -2.36 -14.43 5.93
C PRO B 249 -0.93 -13.91 5.88
N ALA B 250 -0.69 -12.92 5.05
CA ALA B 250 0.60 -12.29 4.94
C ALA B 250 0.81 -11.18 5.97
N GLU B 251 -0.29 -10.62 6.47
CA GLU B 251 -0.24 -9.58 7.51
C GLU B 251 -1.34 -9.81 8.49
N PHE B 252 -1.14 -9.28 9.68
CA PHE B 252 -2.08 -9.51 10.79
C PHE B 252 -2.44 -8.24 11.48
N GLY B 253 -3.73 -8.05 11.78
CA GLY B 253 -4.23 -6.81 12.33
C GLY B 253 -5.74 -6.80 12.23
N GLY B 254 -6.29 -5.57 12.25
CA GLY B 254 -7.74 -5.37 12.18
C GLY B 254 -8.28 -5.80 10.84
N GLU B 255 -9.60 -5.92 10.71
CA GLU B 255 -10.25 -6.21 9.39
C GLU B 255 -10.09 -7.65 8.90
N MET B 256 -8.93 -8.26 9.14
CA MET B 256 -8.67 -9.57 8.62
C MET B 256 -9.01 -10.70 9.64
N ILE B 257 -9.49 -10.33 10.84
CA ILE B 257 -9.76 -11.31 11.87
C ILE B 257 -11.23 -11.59 12.04
N ASP B 258 -11.53 -12.71 12.65
CA ASP B 258 -12.92 -13.13 12.99
C ASP B 258 -13.09 -13.08 14.50
N PHE B 259 -12.30 -13.87 15.22
CA PHE B 259 -12.31 -13.90 16.69
C PHE B 259 -10.88 -13.67 17.14
N VAL B 260 -10.76 -12.92 18.24
CA VAL B 260 -9.46 -12.62 18.82
C VAL B 260 -9.50 -12.98 20.30
N GLY B 261 -8.69 -13.96 20.68
CA GLY B 261 -8.37 -14.21 22.10
C GLY B 261 -7.09 -13.48 22.46
N LEU B 262 -6.69 -13.60 23.72
CA LEU B 262 -5.48 -12.95 24.18
C LEU B 262 -4.23 -13.48 23.48
N TYR B 263 -4.24 -14.78 23.18
CA TYR B 263 -3.07 -15.46 22.64
C TYR B 263 -3.27 -16.04 21.23
N GLU B 264 -4.54 -16.22 20.80
CA GLU B 264 -4.83 -16.81 19.51
C GLU B 264 -6.02 -16.13 18.85
N SER B 265 -6.09 -16.24 17.52
CA SER B 265 -7.08 -15.58 16.73
C SER B 265 -7.44 -16.44 15.51
N THR B 266 -8.66 -16.27 15.04
CA THR B 266 -9.13 -16.87 13.79
C THR B 266 -9.22 -15.78 12.71
N TRP B 267 -9.07 -16.21 11.47
CA TRP B 267 -9.02 -15.29 10.32
C TRP B 267 -10.39 -15.21 9.67
N LYS B 268 -10.64 -14.07 9.00
CA LYS B 268 -11.87 -13.89 8.22
C LYS B 268 -11.84 -14.78 6.99
N GLU B 269 -13.00 -15.01 6.40
CA GLU B 269 -13.10 -15.72 5.14
C GLU B 269 -12.42 -14.91 4.04
N LEU B 270 -12.16 -15.54 2.90
CA LEU B 270 -11.67 -14.83 1.73
C LEU B 270 -12.70 -13.85 1.21
N PRO B 271 -12.27 -12.71 0.65
CA PRO B 271 -10.85 -12.35 0.44
C PRO B 271 -10.24 -11.59 1.61
N TRP B 272 -11.09 -11.19 2.55
CA TRP B 272 -10.69 -10.27 3.63
C TRP B 272 -9.61 -10.87 4.55
N LYS B 273 -9.43 -12.19 4.51
CA LYS B 273 -8.31 -12.85 5.18
C LYS B 273 -6.98 -12.14 4.92
N PHE B 274 -6.82 -11.62 3.72
CA PHE B 274 -5.53 -11.08 3.28
C PHE B 274 -5.47 -9.57 3.23
N GLU B 275 -6.45 -8.88 3.83
CA GLU B 275 -6.49 -7.43 3.80
C GLU B 275 -6.50 -6.92 5.25
N ALA B 276 -5.30 -6.69 5.79
CA ALA B 276 -5.13 -6.24 7.16
C ALA B 276 -5.19 -4.71 7.22
N GLY B 277 -5.92 -4.19 8.20
CA GLY B 277 -5.99 -2.74 8.48
C GLY B 277 -6.92 -2.04 7.53
N THR B 278 -7.06 -0.74 7.76
CA THR B 278 -7.80 0.15 6.84
C THR B 278 -7.25 -0.01 5.44
N PRO B 279 -8.09 -0.44 4.49
CA PRO B 279 -7.60 -0.75 3.17
C PRO B 279 -7.32 0.50 2.34
N ILE B 280 -6.77 0.30 1.14
CA ILE B 280 -6.47 1.41 0.21
C ILE B 280 -7.78 1.81 -0.48
N ILE B 281 -8.62 2.56 0.24
CA ILE B 281 -10.01 2.80 -0.15
C ILE B 281 -10.09 3.56 -1.47
N ALA B 282 -9.56 4.79 -1.44
CA ALA B 282 -9.64 5.65 -2.63
C ALA B 282 -8.94 5.04 -3.80
N GLY B 283 -7.79 4.43 -3.55
CA GLY B 283 -7.01 3.81 -4.62
C GLY B 283 -7.79 2.67 -5.29
N ALA B 284 -8.42 1.81 -4.49
CA ALA B 284 -9.21 0.71 -5.06
C ALA B 284 -10.39 1.26 -5.87
N ILE B 285 -11.09 2.27 -5.34
CA ILE B 285 -12.23 2.83 -6.07
C ILE B 285 -11.75 3.45 -7.39
N GLY B 286 -10.60 4.11 -7.35
CA GLY B 286 -10.05 4.71 -8.58
C GLY B 286 -9.59 3.69 -9.57
N LEU B 287 -9.08 2.56 -9.09
CA LEU B 287 -8.71 1.45 -9.98
C LEU B 287 -9.97 0.89 -10.65
N GLY B 288 -11.07 0.80 -9.92
CA GLY B 288 -12.33 0.40 -10.53
C GLY B 288 -12.75 1.37 -11.63
N ALA B 289 -12.57 2.67 -11.37
CA ALA B 289 -12.88 3.68 -12.39
C ALA B 289 -11.98 3.49 -13.63
N ALA B 290 -10.70 3.23 -13.40
CA ALA B 290 -9.78 3.02 -14.52
C ALA B 290 -10.17 1.80 -15.33
N ILE B 291 -10.65 0.76 -14.64
CA ILE B 291 -11.14 -0.45 -15.31
C ILE B 291 -12.36 -0.11 -16.16
N ASP B 292 -13.30 0.67 -15.62
CA ASP B 292 -14.46 1.07 -16.41
C ASP B 292 -14.03 1.81 -17.68
N PHE B 293 -13.08 2.73 -17.53
CA PHE B 293 -12.58 3.53 -18.66
C PHE B 293 -11.97 2.62 -19.73
N LEU B 294 -11.05 1.77 -19.33
CA LEU B 294 -10.39 0.88 -20.28
C LEU B 294 -11.38 -0.08 -20.94
N GLU B 295 -12.35 -0.57 -20.18
CA GLU B 295 -13.34 -1.51 -20.72
C GLU B 295 -14.21 -0.81 -21.76
N GLU B 296 -14.64 0.42 -21.48
CA GLU B 296 -15.44 1.17 -22.44
C GLU B 296 -14.65 1.36 -23.75
N ILE B 297 -13.36 1.65 -23.65
CA ILE B 297 -12.54 1.72 -24.86
C ILE B 297 -12.40 0.34 -25.51
N GLY B 298 -12.16 -0.68 -24.69
CA GLY B 298 -11.94 -2.05 -25.19
C GLY B 298 -10.49 -2.44 -25.16
N LEU B 299 -10.15 -3.45 -24.37
CA LEU B 299 -8.77 -3.86 -24.27
C LEU B 299 -8.21 -4.45 -25.54
N ASP B 300 -9.06 -5.12 -26.30
CA ASP B 300 -8.63 -5.67 -27.58
C ASP B 300 -8.33 -4.54 -28.57
N GLU B 301 -9.10 -3.45 -28.51
CA GLU B 301 -8.83 -2.31 -29.35
C GLU B 301 -7.53 -1.60 -28.93
N ILE B 302 -7.25 -1.58 -27.62
CA ILE B 302 -6.00 -1.00 -27.13
C ILE B 302 -4.81 -1.85 -27.60
N SER B 303 -4.98 -3.17 -27.57
CA SER B 303 -3.95 -4.07 -28.04
C SER B 303 -3.68 -3.91 -29.53
N ARG B 304 -4.74 -3.76 -30.33
CA ARG B 304 -4.59 -3.53 -31.77
C ARG B 304 -3.81 -2.25 -32.01
N HIS B 305 -4.20 -1.18 -31.30
CA HIS B 305 -3.51 0.11 -31.49
C HIS B 305 -2.02 -0.01 -31.15
N GLU B 306 -1.70 -0.67 -30.04
CA GLU B 306 -0.28 -0.82 -29.65
C GLU B 306 0.47 -1.73 -30.62
N HIS B 307 -0.18 -2.75 -31.18
CA HIS B 307 0.53 -3.59 -32.14
C HIS B 307 0.83 -2.81 -33.42
N LYS B 308 -0.12 -1.97 -33.86
CA LYS B 308 0.15 -1.11 -35.01
C LYS B 308 1.33 -0.19 -34.73
N LEU B 309 1.36 0.43 -33.55
CA LEU B 309 2.47 1.35 -33.24
C LEU B 309 3.78 0.61 -33.06
N ALA B 310 3.75 -0.61 -32.52
CA ALA B 310 4.97 -1.40 -32.37
C ALA B 310 5.55 -1.77 -33.73
N ALA B 311 4.71 -2.19 -34.67
CA ALA B 311 5.19 -2.52 -36.01
C ALA B 311 5.76 -1.26 -36.70
N TYR B 312 5.03 -0.15 -36.61
CA TYR B 312 5.49 1.10 -37.21
C TYR B 312 6.84 1.52 -36.63
N ALA B 313 6.96 1.46 -35.31
CA ALA B 313 8.22 1.81 -34.63
C ALA B 313 9.35 0.90 -35.04
N LEU B 314 9.11 -0.41 -35.11
CA LEU B 314 10.18 -1.36 -35.47
C LEU B 314 10.67 -1.07 -36.89
N GLU B 315 9.74 -0.88 -37.84
CA GLU B 315 10.13 -0.63 -39.23
C GLU B 315 10.92 0.69 -39.32
N ARG B 316 10.47 1.74 -38.63
CA ARG B 316 11.22 2.99 -38.64
C ARG B 316 12.57 2.84 -37.95
N PHE B 317 12.67 1.91 -37.00
CA PHE B 317 13.93 1.71 -36.28
C PHE B 317 14.95 1.01 -37.14
N ARG B 318 14.50 0.09 -38.00
CA ARG B 318 15.44 -0.66 -38.83
C ARG B 318 16.04 0.19 -39.99
N GLN B 319 15.36 1.26 -40.34
CA GLN B 319 15.88 2.32 -41.20
C GLN B 319 16.81 3.30 -40.49
N LEU B 320 16.93 3.16 -39.18
CA LEU B 320 17.98 3.85 -38.45
C LEU B 320 19.18 2.90 -38.29
N ASP B 321 20.31 3.28 -38.87
CA ASP B 321 21.54 2.48 -38.73
C ASP B 321 22.18 2.80 -37.40
N GLY B 322 22.90 1.81 -36.86
CA GLY B 322 23.57 1.99 -35.58
C GLY B 322 22.60 2.06 -34.44
N VAL B 323 21.48 1.35 -34.60
CA VAL B 323 20.57 1.12 -33.46
C VAL B 323 20.27 -0.36 -33.36
N THR B 324 20.56 -0.93 -32.21
CA THR B 324 20.20 -2.31 -31.88
C THR B 324 18.90 -2.32 -31.09
N VAL B 325 17.92 -3.06 -31.64
CA VAL B 325 16.66 -3.34 -30.95
C VAL B 325 16.74 -4.74 -30.35
N TYR B 326 16.31 -4.87 -29.10
CA TYR B 326 16.30 -6.15 -28.43
C TYR B 326 14.93 -6.79 -28.45
N GLY B 327 14.87 -8.11 -28.62
CA GLY B 327 13.62 -8.86 -28.56
C GLY B 327 13.08 -9.20 -29.94
N PRO B 328 11.99 -9.95 -29.96
CA PRO B 328 11.45 -10.49 -31.22
C PRO B 328 10.58 -9.52 -31.99
N GLU B 329 10.24 -9.92 -33.19
CA GLU B 329 9.37 -9.15 -34.08
C GLU B 329 7.96 -8.92 -33.53
N GLU B 330 7.30 -10.02 -33.14
CA GLU B 330 5.98 -9.97 -32.53
C GLU B 330 6.18 -9.57 -31.07
N ARG B 331 5.56 -8.46 -30.68
CA ARG B 331 5.83 -7.89 -29.36
C ARG B 331 4.70 -7.05 -28.88
N ALA B 332 4.82 -6.61 -27.62
CA ALA B 332 3.89 -5.65 -27.05
C ALA B 332 4.29 -4.25 -27.46
N GLY B 333 3.63 -3.24 -26.86
CA GLY B 333 3.88 -1.87 -27.22
C GLY B 333 5.08 -1.25 -26.54
N LEU B 334 6.27 -1.77 -26.85
CA LEU B 334 7.52 -1.19 -26.32
C LEU B 334 8.68 -1.60 -27.17
N VAL B 335 9.73 -0.80 -27.14
CA VAL B 335 10.97 -1.06 -27.87
C VAL B 335 12.13 -0.68 -26.93
N THR B 336 12.97 -1.67 -26.65
CA THR B 336 14.20 -1.45 -25.88
C THR B 336 15.37 -1.52 -26.87
N PHE B 337 16.23 -0.52 -26.84
CA PHE B 337 17.23 -0.33 -27.88
C PHE B 337 18.47 0.34 -27.31
N ASN B 338 19.50 0.41 -28.14
CA ASN B 338 20.71 1.18 -27.86
C ASN B 338 21.25 1.74 -29.13
N LEU B 339 21.73 3.00 -29.03
CA LEU B 339 22.50 3.63 -30.10
C LEU B 339 23.95 3.28 -29.90
N ASP B 340 24.63 2.95 -30.99
CA ASP B 340 26.10 2.70 -30.95
C ASP B 340 26.84 3.95 -30.56
N ASP B 341 27.77 3.80 -29.61
CA ASP B 341 28.65 4.89 -29.16
C ASP B 341 27.92 6.07 -28.52
N VAL B 342 26.67 5.84 -28.09
CA VAL B 342 25.96 6.84 -27.31
C VAL B 342 25.34 6.15 -26.12
N HIS B 343 25.86 6.40 -24.90
CA HIS B 343 25.35 5.72 -23.71
C HIS B 343 23.90 6.11 -23.51
N PRO B 344 23.02 5.17 -23.11
CA PRO B 344 21.59 5.48 -22.95
C PRO B 344 21.24 6.69 -22.07
N HIS B 345 22.09 7.07 -21.11
CA HIS B 345 21.85 8.25 -20.29
C HIS B 345 21.88 9.52 -21.17
N ASP B 346 22.88 9.59 -22.04
CA ASP B 346 22.99 10.71 -22.97
C ASP B 346 21.79 10.72 -23.95
N VAL B 347 21.38 9.54 -24.41
CA VAL B 347 20.21 9.40 -25.30
C VAL B 347 18.97 9.98 -24.58
N ALA B 348 18.79 9.61 -23.33
CA ALA B 348 17.62 10.05 -22.58
C ALA B 348 17.67 11.56 -22.35
N THR B 349 18.87 12.10 -22.13
CA THR B 349 19.00 13.54 -21.91
C THR B 349 18.63 14.32 -23.19
N VAL B 350 19.08 13.82 -24.34
CA VAL B 350 18.75 14.52 -25.61
C VAL B 350 17.26 14.41 -25.91
N LEU B 351 16.69 13.23 -25.71
CA LEU B 351 15.25 13.03 -25.96
C LEU B 351 14.42 13.92 -25.04
N ASP B 352 14.78 13.99 -23.75
CA ASP B 352 14.06 14.86 -22.84
C ASP B 352 14.26 16.34 -23.17
N ALA B 353 15.42 16.68 -23.74
CA ALA B 353 15.63 18.03 -24.23
C ALA B 353 14.68 18.37 -25.40
N GLU B 354 14.26 17.34 -26.15
CA GLU B 354 13.21 17.49 -27.16
C GLU B 354 11.84 17.11 -26.63
N GLY B 355 11.65 17.09 -25.32
CA GLY B 355 10.36 16.84 -24.71
C GLY B 355 9.92 15.39 -24.66
N ILE B 356 10.79 14.45 -25.01
CA ILE B 356 10.44 13.04 -25.10
C ILE B 356 10.88 12.31 -23.84
N ALA B 357 9.96 11.55 -23.27
CA ALA B 357 10.18 10.83 -22.02
C ALA B 357 10.32 9.34 -22.30
N VAL B 358 11.50 8.79 -22.01
CA VAL B 358 11.78 7.37 -22.17
C VAL B 358 12.57 6.96 -20.93
N ARG B 359 12.75 5.64 -20.73
CA ARG B 359 13.48 5.13 -19.57
C ARG B 359 14.86 4.62 -19.98
N ALA B 360 15.81 4.71 -19.08
CA ALA B 360 17.19 4.32 -19.33
C ALA B 360 17.74 3.55 -18.11
N GLY B 361 18.40 2.44 -18.40
CA GLY B 361 19.02 1.60 -17.40
C GLY B 361 18.71 0.13 -17.55
N HIS B 362 18.53 -0.56 -16.43
CA HIS B 362 18.32 -2.01 -16.38
C HIS B 362 16.84 -2.30 -16.11
N HIS B 363 16.04 -1.27 -16.31
CA HIS B 363 14.57 -1.42 -16.29
C HIS B 363 14.12 -2.53 -15.31
N ALA B 365 15.64 -5.30 -14.64
CA ALA B 365 15.88 -6.67 -15.10
C ALA B 365 17.39 -6.98 -15.27
N GLN B 366 18.12 -6.85 -14.17
CA GLN B 366 19.59 -7.02 -14.21
C GLN B 366 20.09 -8.31 -14.86
N PRO B 367 19.54 -9.49 -14.47
CA PRO B 367 20.00 -10.71 -15.14
C PRO B 367 19.77 -10.69 -16.65
N LEU B 368 18.66 -10.09 -17.08
CA LEU B 368 18.41 -9.97 -18.50
C LEU B 368 19.47 -9.07 -19.17
N MET B 369 19.87 -7.99 -18.51
CA MET B 369 20.93 -7.14 -19.04
C MET B 369 22.22 -7.94 -19.19
N LYS B 370 22.54 -8.77 -18.21
CA LYS B 370 23.71 -9.62 -18.31
C LYS B 370 23.54 -10.61 -19.48
N TRP B 371 22.34 -11.14 -19.67
CA TRP B 371 22.09 -12.10 -20.76
C TRP B 371 22.29 -11.43 -22.14
N LEU B 372 22.05 -10.14 -22.24
CA LEU B 372 22.28 -9.38 -23.44
C LEU B 372 23.70 -8.79 -23.53
N ASP B 373 24.52 -9.01 -22.51
CA ASP B 373 25.93 -8.51 -22.46
C ASP B 373 25.99 -7.00 -22.59
N VAL B 374 25.15 -6.32 -21.82
CA VAL B 374 25.01 -4.86 -21.90
C VAL B 374 24.90 -4.33 -20.47
N THR B 375 25.31 -3.09 -20.27
CA THR B 375 25.23 -2.47 -18.94
C THR B 375 23.92 -1.69 -18.73
N ALA B 376 23.29 -1.28 -19.83
CA ALA B 376 22.12 -0.44 -19.78
C ALA B 376 21.51 -0.29 -21.14
N THR B 377 20.22 0.05 -21.17
CA THR B 377 19.46 0.19 -22.41
C THR B 377 18.54 1.40 -22.30
N ALA B 378 18.05 1.86 -23.44
CA ALA B 378 17.00 2.86 -23.53
C ALA B 378 15.69 2.14 -23.91
N ARG B 379 14.56 2.68 -23.50
CA ARG B 379 13.28 2.01 -23.76
C ARG B 379 12.19 3.07 -23.95
N ALA B 380 11.55 3.00 -25.10
CA ALA B 380 10.34 3.75 -25.38
C ALA B 380 9.15 2.80 -25.32
N SER B 381 8.12 3.17 -24.57
CA SER B 381 6.93 2.34 -24.43
C SER B 381 5.70 3.10 -24.87
N PHE B 382 4.71 2.38 -25.36
CA PHE B 382 3.50 2.98 -25.92
C PHE B 382 2.26 2.54 -25.19
N TYR B 383 1.26 3.40 -25.22
CA TYR B 383 -0.03 3.13 -24.62
C TYR B 383 -1.13 3.75 -25.49
N LEU B 384 -2.36 3.76 -24.97
CA LEU B 384 -3.53 4.10 -25.77
C LEU B 384 -3.52 5.53 -26.27
N TYR B 385 -2.76 6.40 -25.60
CA TYR B 385 -2.73 7.81 -25.94
C TYR B 385 -1.57 8.20 -26.83
N ASN B 386 -0.75 7.24 -27.26
CA ASN B 386 0.40 7.55 -28.09
C ASN B 386 0.05 7.43 -29.58
N THR B 387 0.73 8.21 -30.41
CA THR B 387 0.42 8.32 -31.85
C THR B 387 1.62 7.94 -32.70
N GLU B 388 1.40 7.78 -33.98
CA GLU B 388 2.48 7.58 -34.92
C GLU B 388 3.37 8.84 -35.05
N GLU B 389 2.75 10.01 -34.90
CA GLU B 389 3.52 11.26 -34.91
C GLU B 389 4.57 11.25 -33.79
N GLU B 390 4.21 10.73 -32.62
CA GLU B 390 5.17 10.69 -31.50
C GLU B 390 6.28 9.68 -31.80
N ILE B 391 5.98 8.64 -32.56
CA ILE B 391 7.03 7.72 -33.02
C ILE B 391 7.99 8.48 -33.96
N ASP B 392 7.42 9.30 -34.85
CA ASP B 392 8.25 10.09 -35.75
C ASP B 392 9.16 11.04 -34.96
N LYS B 393 8.59 11.70 -33.95
CA LYS B 393 9.38 12.62 -33.11
C LYS B 393 10.49 11.85 -32.39
N LEU B 394 10.17 10.65 -31.90
CA LEU B 394 11.17 9.80 -31.23
C LEU B 394 12.32 9.43 -32.18
N VAL B 395 11.98 9.02 -33.40
CA VAL B 395 13.00 8.57 -34.35
C VAL B 395 13.87 9.76 -34.79
N GLU B 396 13.23 10.91 -35.07
CA GLU B 396 13.97 12.12 -35.48
C GLU B 396 14.89 12.57 -34.33
N ALA B 397 14.42 12.45 -33.09
CA ALA B 397 15.26 12.83 -31.94
C ALA B 397 16.41 11.85 -31.76
N LEU B 398 16.19 10.58 -31.98
CA LEU B 398 17.29 9.61 -31.97
C LEU B 398 18.32 9.93 -33.03
N GLN B 399 17.85 10.36 -34.21
CA GLN B 399 18.79 10.72 -35.28
C GLN B 399 19.58 11.98 -34.89
N LYS B 400 18.90 12.97 -34.31
CA LYS B 400 19.60 14.14 -33.81
C LYS B 400 20.62 13.75 -32.74
N THR B 401 20.30 12.76 -31.93
CA THR B 401 21.23 12.28 -30.88
C THR B 401 22.47 11.70 -31.53
N LYS B 402 22.28 10.83 -32.53
CA LYS B 402 23.40 10.25 -33.27
C LYS B 402 24.29 11.34 -33.88
N GLU B 403 23.67 12.26 -34.61
CA GLU B 403 24.43 13.35 -35.27
C GLU B 403 25.15 14.25 -34.25
N TYR B 404 24.49 14.48 -33.12
CA TYR B 404 25.01 15.38 -32.10
C TYR B 404 26.24 14.79 -31.44
N PHE B 405 26.22 13.50 -31.16
CA PHE B 405 27.36 12.92 -30.47
C PHE B 405 28.51 12.53 -31.38
N THR B 406 28.27 12.58 -32.69
CA THR B 406 29.27 12.08 -33.61
C THR B 406 29.28 12.86 -34.94
N ASN B 407 29.88 14.04 -34.90
CA ASN B 407 30.13 14.81 -36.13
C ASN B 407 31.57 15.31 -36.21
N MET C 4 -6.55 31.62 12.62
CA MET C 4 -7.51 30.68 11.95
C MET C 4 -8.57 30.24 12.92
N ASN C 5 -9.81 30.57 12.59
CA ASN C 5 -10.99 30.26 13.38
C ASN C 5 -11.54 28.89 13.04
N ILE C 6 -12.43 28.36 13.87
CA ILE C 6 -13.09 27.09 13.59
C ILE C 6 -13.89 27.08 12.28
N THR C 7 -14.55 28.18 11.97
CA THR C 7 -15.34 28.26 10.76
C THR C 7 -14.42 28.19 9.53
N ASP C 8 -13.29 28.89 9.56
CA ASP C 8 -12.32 28.81 8.46
C ASP C 8 -11.85 27.36 8.28
N ILE C 9 -11.52 26.70 9.38
CA ILE C 9 -11.03 25.33 9.34
C ILE C 9 -12.08 24.42 8.70
N ARG C 10 -13.32 24.52 9.15
CA ARG C 10 -14.39 23.74 8.53
C ARG C 10 -14.57 24.12 7.07
N GLU C 11 -14.38 25.41 6.74
CA GLU C 11 -14.54 25.85 5.37
C GLU C 11 -13.53 25.14 4.45
N GLN C 12 -12.39 24.69 4.98
CA GLN C 12 -11.43 24.01 4.13
C GLN C 12 -11.78 22.52 3.82
N PHE C 13 -12.84 21.97 4.42
CA PHE C 13 -13.18 20.54 4.26
C PHE C 13 -14.47 20.37 3.49
N PRO C 14 -14.39 20.16 2.16
CA PRO C 14 -15.61 20.16 1.33
C PRO C 14 -16.65 19.13 1.77
N ILE C 15 -16.16 17.99 2.25
CA ILE C 15 -17.04 16.87 2.63
C ILE C 15 -17.98 17.23 3.80
N LEU C 16 -17.62 18.24 4.56
CA LEU C 16 -18.45 18.62 5.71
C LEU C 16 -19.77 19.28 5.29
N HIS C 17 -19.80 19.95 4.15
CA HIS C 17 -20.90 20.85 3.79
C HIS C 17 -21.91 20.16 2.88
N GLN C 18 -22.59 19.17 3.44
CA GLN C 18 -23.62 18.41 2.74
C GLN C 18 -24.63 17.89 3.73
N GLN C 19 -25.72 17.36 3.23
CA GLN C 19 -26.82 16.86 4.05
C GLN C 19 -26.86 15.34 4.04
N VAL C 20 -27.22 14.76 5.16
CA VAL C 20 -27.45 13.32 5.30
C VAL C 20 -28.77 13.16 6.02
N ASN C 21 -29.76 12.61 5.32
CA ASN C 21 -31.13 12.43 5.82
C ASN C 21 -31.73 13.77 6.28
N GLY C 22 -31.58 14.77 5.41
CA GLY C 22 -32.09 16.11 5.63
C GLY C 22 -31.54 16.86 6.84
N HIS C 23 -30.40 16.42 7.35
CA HIS C 23 -29.68 17.10 8.45
C HIS C 23 -28.27 17.45 8.00
N ASP C 24 -27.75 18.55 8.55
CA ASP C 24 -26.34 18.87 8.44
C ASP C 24 -25.50 17.67 8.90
N LEU C 25 -24.55 17.27 8.07
CA LEU C 25 -23.62 16.22 8.47
C LEU C 25 -22.93 16.57 9.80
N VAL C 26 -22.98 15.65 10.74
CA VAL C 26 -22.25 15.76 11.98
C VAL C 26 -21.30 14.56 12.05
N TYR C 27 -20.08 14.77 11.54
CA TYR C 27 -19.10 13.71 11.47
C TYR C 27 -18.30 13.66 12.76
N LEU C 28 -18.53 12.66 13.57
CA LEU C 28 -17.77 12.44 14.80
C LEU C 28 -17.17 11.01 14.78
N ASP C 29 -16.50 10.68 13.67
CA ASP C 29 -15.86 9.38 13.55
C ASP C 29 -14.44 9.52 13.03
N SER C 30 -13.77 10.59 13.43
CA SER C 30 -12.39 10.85 12.98
C SER C 30 -11.40 9.82 13.52
N ALA C 31 -11.75 9.15 14.62
CA ALA C 31 -10.92 8.06 15.15
C ALA C 31 -10.95 6.84 14.23
N ALA C 32 -12.00 6.69 13.43
CA ALA C 32 -12.00 5.67 12.39
C ALA C 32 -11.22 6.17 11.16
N THR C 33 -11.53 7.38 10.71
CA THR C 33 -10.75 8.05 9.66
C THR C 33 -11.09 9.53 9.66
N SER C 34 -10.13 10.33 9.21
CA SER C 34 -10.29 11.78 9.10
C SER C 34 -10.72 12.19 7.71
N GLN C 35 -11.28 13.37 7.63
CA GLN C 35 -11.62 13.98 6.35
C GLN C 35 -10.44 14.81 5.84
N LYS C 36 -10.51 15.25 4.59
CA LYS C 36 -9.33 15.88 3.98
C LYS C 36 -9.63 17.33 3.63
N PRO C 37 -8.66 18.22 3.88
CA PRO C 37 -8.83 19.61 3.49
C PRO C 37 -8.59 19.79 2.00
N ARG C 38 -9.05 20.91 1.46
CA ARG C 38 -8.85 21.26 0.06
C ARG C 38 -7.37 21.15 -0.36
N ALA C 39 -6.47 21.52 0.56
CA ALA C 39 -5.02 21.48 0.32
C ALA C 39 -4.60 20.09 -0.16
N VAL C 40 -5.04 19.07 0.57
CA VAL C 40 -4.62 17.69 0.30
C VAL C 40 -5.20 17.19 -1.03
N ILE C 41 -6.51 17.36 -1.19
CA ILE C 41 -7.17 16.89 -2.42
C ILE C 41 -6.55 17.56 -3.65
N GLU C 42 -6.30 18.86 -3.56
CA GLU C 42 -5.70 19.58 -4.69
C GLU C 42 -4.24 19.18 -4.89
N THR C 43 -3.54 18.77 -3.82
CA THR C 43 -2.21 18.19 -3.99
C THR C 43 -2.30 16.95 -4.88
N LEU C 44 -3.27 16.09 -4.58
CA LEU C 44 -3.46 14.89 -5.42
C LEU C 44 -3.84 15.26 -6.85
N ASP C 45 -4.74 16.21 -7.00
CA ASP C 45 -5.13 16.70 -8.31
C ASP C 45 -3.95 17.18 -9.12
N LYS C 46 -3.12 18.02 -8.50
CA LYS C 46 -1.98 18.61 -9.20
C LYS C 46 -0.97 17.50 -9.57
N TYR C 47 -0.78 16.52 -8.69
CA TYR C 47 0.10 15.41 -9.02
C TYR C 47 -0.39 14.69 -10.29
N TYR C 48 -1.65 14.28 -10.30
CA TYR C 48 -2.14 13.51 -11.43
C TYR C 48 -2.36 14.36 -12.68
N ASN C 49 -2.47 15.67 -12.52
CA ASN C 49 -2.67 16.57 -13.65
C ASN C 49 -1.39 17.08 -14.26
N GLN C 50 -0.30 17.09 -13.51
CA GLN C 50 0.88 17.78 -14.04
C GLN C 50 2.14 17.00 -14.11
N TYR C 51 2.44 16.17 -13.11
CA TYR C 51 3.79 15.59 -13.06
C TYR C 51 3.82 14.14 -12.60
N ASN C 52 2.73 13.38 -12.76
CA ASN C 52 2.76 11.95 -12.53
C ASN C 52 3.79 11.28 -13.48
N SER C 53 4.69 10.49 -12.87
CA SER C 53 5.72 9.68 -13.53
C SER C 53 6.29 8.79 -12.47
N ASN C 54 7.03 7.76 -12.89
CA ASN C 54 7.63 6.92 -11.89
C ASN C 54 8.80 7.63 -11.23
N VAL C 55 9.14 7.18 -10.02
CA VAL C 55 10.12 7.88 -9.20
C VAL C 55 11.43 7.12 -9.11
N HIS C 56 12.49 7.89 -8.84
CA HIS C 56 13.88 7.45 -8.63
C HIS C 56 14.63 7.18 -9.92
N ARG C 57 14.80 5.91 -10.31
CA ARG C 57 15.52 5.65 -11.54
C ARG C 57 14.60 5.92 -12.74
N GLY C 58 14.90 7.04 -13.38
CA GLY C 58 14.24 7.59 -14.55
C GLY C 58 15.07 8.82 -14.91
N VAL C 59 14.79 9.40 -16.06
CA VAL C 59 15.73 10.35 -16.64
C VAL C 59 15.00 11.54 -17.28
N HIS C 60 13.68 11.57 -17.23
CA HIS C 60 12.93 12.65 -17.87
C HIS C 60 12.39 13.63 -16.86
N THR C 61 11.97 14.79 -17.35
CA THR C 61 11.60 15.94 -16.51
C THR C 61 10.51 15.62 -15.49
N LEU C 62 9.40 15.05 -15.99
CA LEU C 62 8.28 14.70 -15.12
C LEU C 62 8.70 13.73 -14.02
N GLY C 63 9.58 12.80 -14.40
CA GLY C 63 10.14 11.89 -13.42
C GLY C 63 10.88 12.59 -12.32
N THR C 64 11.70 13.57 -12.68
CA THR C 64 12.41 14.39 -11.68
C THR C 64 11.42 15.08 -10.75
N ARG C 65 10.36 15.66 -11.31
CA ARG C 65 9.38 16.38 -10.49
C ARG C 65 8.72 15.40 -9.49
N ALA C 66 8.30 14.24 -9.98
CA ALA C 66 7.62 13.26 -9.13
C ALA C 66 8.58 12.77 -8.00
N THR C 67 9.83 12.52 -8.37
CA THR C 67 10.83 12.05 -7.38
C THR C 67 11.11 13.12 -6.31
N ASP C 68 11.31 14.36 -6.74
CA ASP C 68 11.48 15.45 -5.80
C ASP C 68 10.27 15.54 -4.87
N GLY C 69 9.06 15.36 -5.40
CA GLY C 69 7.86 15.41 -4.57
C GLY C 69 7.87 14.29 -3.50
N TYR C 70 8.13 13.06 -3.93
CA TYR C 70 8.10 11.90 -3.03
C TYR C 70 9.15 12.06 -1.91
N GLU C 71 10.40 12.34 -2.28
CA GLU C 71 11.45 12.46 -1.28
C GLU C 71 11.27 13.70 -0.39
N GLY C 72 10.73 14.78 -0.94
CA GLY C 72 10.41 15.95 -0.12
C GLY C 72 9.35 15.62 0.92
N ALA C 73 8.37 14.78 0.53
CA ALA C 73 7.38 14.32 1.51
C ALA C 73 8.05 13.52 2.61
N ARG C 74 9.03 12.70 2.24
CA ARG C 74 9.78 11.96 3.28
C ARG C 74 10.45 12.92 4.26
N GLU C 75 11.09 13.97 3.73
CA GLU C 75 11.71 14.96 4.59
C GLU C 75 10.68 15.64 5.49
N LYS C 76 9.50 15.92 4.94
CA LYS C 76 8.45 16.55 5.74
C LYS C 76 8.02 15.65 6.90
N VAL C 77 7.88 14.35 6.63
CA VAL C 77 7.51 13.42 7.71
C VAL C 77 8.59 13.40 8.78
N ARG C 78 9.85 13.29 8.34
CA ARG C 78 10.96 13.26 9.28
C ARG C 78 10.93 14.47 10.22
N LYS C 79 10.72 15.66 9.66
CA LYS C 79 10.67 16.85 10.50
C LYS C 79 9.41 16.85 11.38
N PHE C 80 8.30 16.35 10.82
CA PHE C 80 7.03 16.35 11.53
C PHE C 80 7.14 15.54 12.85
N ILE C 81 7.82 14.38 12.81
CA ILE C 81 7.94 13.54 14.00
C ILE C 81 9.31 13.68 14.67
N ASN C 82 10.17 14.56 14.15
CA ASN C 82 11.47 14.84 14.76
C ASN C 82 12.36 13.58 14.81
N ALA C 83 12.39 12.81 13.72
CA ALA C 83 13.34 11.72 13.58
C ALA C 83 14.70 12.31 13.18
N LYS C 84 15.78 11.70 13.65
CA LYS C 84 17.13 12.21 13.42
C LYS C 84 17.48 12.29 11.93
N SER C 85 17.06 11.27 11.19
CA SER C 85 17.47 11.10 9.82
C SER C 85 16.35 10.57 8.96
N MET C 86 16.41 10.93 7.67
CA MET C 86 15.51 10.38 6.66
C MET C 86 15.64 8.89 6.51
N ALA C 87 16.82 8.38 6.82
CA ALA C 87 17.07 6.93 6.81
C ALA C 87 16.12 6.17 7.74
N GLU C 88 15.50 6.87 8.69
CA GLU C 88 14.64 6.22 9.67
C GLU C 88 13.15 6.45 9.38
N ILE C 89 12.81 6.99 8.21
CA ILE C 89 11.42 7.20 7.80
C ILE C 89 11.12 6.29 6.62
N ILE C 90 10.25 5.31 6.84
CA ILE C 90 9.87 4.36 5.80
C ILE C 90 8.42 4.54 5.47
N PHE C 91 8.13 4.74 4.19
CA PHE C 91 6.75 4.83 3.72
C PHE C 91 6.15 3.44 3.61
N THR C 92 5.01 3.25 4.26
CA THR C 92 4.31 1.96 4.22
C THR C 92 2.86 2.17 3.77
N LYS C 93 2.11 1.08 3.74
CA LYS C 93 0.65 1.11 3.44
C LYS C 93 -0.16 1.68 4.58
N GLY C 94 0.34 1.60 5.80
CA GLY C 94 -0.38 2.09 6.96
C GLY C 94 0.20 1.53 8.25
N THR C 95 -0.41 1.95 9.35
CA THR C 95 0.01 1.52 10.69
C THR C 95 0.06 -0.01 10.78
N THR C 96 -0.94 -0.71 10.21
CA THR C 96 -1.00 -2.16 10.28
C THR C 96 0.23 -2.78 9.60
N THR C 97 0.54 -2.31 8.41
CA THR C 97 1.71 -2.79 7.65
C THR C 97 3.00 -2.45 8.42
N SER C 98 3.06 -1.25 9.00
CA SER C 98 4.26 -0.87 9.75
C SER C 98 4.50 -1.84 10.93
N LEU C 99 3.47 -2.09 11.71
CA LEU C 99 3.59 -3.00 12.84
C LEU C 99 3.92 -4.42 12.36
N ASN C 100 3.34 -4.84 11.24
CA ASN C 100 3.65 -6.19 10.69
C ASN C 100 5.10 -6.26 10.25
N MET C 101 5.62 -5.17 9.69
CA MET C 101 7.04 -5.15 9.30
C MET C 101 7.93 -5.29 10.52
N VAL C 102 7.56 -4.62 11.60
CA VAL C 102 8.34 -4.77 12.84
C VAL C 102 8.29 -6.22 13.32
N ALA C 103 7.10 -6.81 13.32
CA ALA C 103 6.96 -8.19 13.81
C ALA C 103 7.70 -9.18 12.91
N LEU C 104 7.71 -8.95 11.58
CA LEU C 104 8.37 -9.86 10.66
C LEU C 104 9.89 -9.74 10.75
N SER C 105 10.39 -8.52 10.60
CA SER C 105 11.83 -8.30 10.39
C SER C 105 12.59 -8.22 11.70
N TYR C 106 12.03 -7.60 12.74
CA TYR C 106 12.71 -7.52 13.99
C TYR C 106 12.37 -8.70 14.92
N ALA C 107 11.07 -8.88 15.19
CA ALA C 107 10.64 -9.78 16.28
C ALA C 107 11.09 -11.22 16.05
N ARG C 108 10.91 -11.70 14.83
CA ARG C 108 11.22 -13.08 14.51
C ARG C 108 12.71 -13.34 14.45
N ALA C 109 13.51 -12.28 14.31
CA ALA C 109 14.98 -12.42 14.35
C ALA C 109 15.54 -12.26 15.76
N ASN C 110 14.72 -11.87 16.75
CA ASN C 110 15.24 -11.61 18.07
C ASN C 110 14.44 -12.26 19.23
N LEU C 111 13.66 -13.31 18.92
CA LEU C 111 12.94 -14.07 19.95
C LEU C 111 13.37 -15.53 19.92
N LYS C 112 13.61 -16.11 21.11
CA LYS C 112 13.93 -17.50 21.33
C LYS C 112 12.86 -17.93 22.33
N PRO C 113 12.79 -19.23 22.66
CA PRO C 113 12.09 -19.60 23.87
C PRO C 113 12.70 -18.94 25.11
N GLY C 114 11.82 -18.51 26.01
CA GLY C 114 12.21 -17.79 27.21
C GLY C 114 11.96 -16.30 27.09
N ASP C 115 12.06 -15.76 25.89
CA ASP C 115 11.83 -14.34 25.63
C ASP C 115 10.35 -14.02 25.80
N GLU C 116 10.08 -12.74 26.10
CA GLU C 116 8.74 -12.25 26.28
C GLU C 116 8.47 -11.04 25.40
N VAL C 117 7.27 -10.98 24.84
CA VAL C 117 6.72 -9.77 24.23
C VAL C 117 5.60 -9.29 25.14
N VAL C 118 5.66 -8.01 25.51
CA VAL C 118 4.75 -7.45 26.51
C VAL C 118 3.86 -6.39 25.86
N ILE C 119 2.56 -6.62 25.89
CA ILE C 119 1.56 -5.69 25.34
C ILE C 119 0.52 -5.33 26.43
N THR C 120 -0.57 -4.70 26.00
CA THR C 120 -1.64 -4.23 26.91
C THR C 120 -2.98 -4.79 26.50
N TYR C 121 -3.88 -4.85 27.48
CA TYR C 121 -5.27 -5.20 27.25
C TYR C 121 -5.99 -4.19 26.34
N MET C 122 -5.48 -2.95 26.30
CA MET C 122 -6.15 -1.90 25.54
C MET C 122 -5.79 -1.90 24.05
N GLU C 123 -4.90 -2.81 23.62
CA GLU C 123 -4.29 -2.67 22.31
C GLU C 123 -5.26 -2.87 21.18
N HIS C 124 -5.10 -2.04 20.15
CA HIS C 124 -5.74 -2.26 18.85
C HIS C 124 -5.28 -3.59 18.26
N HIS C 125 -6.14 -4.27 17.51
CA HIS C 125 -5.76 -5.57 16.90
C HIS C 125 -4.50 -5.50 16.09
N ALA C 126 -4.27 -4.37 15.43
CA ALA C 126 -3.02 -4.16 14.69
C ALA C 126 -1.80 -4.35 15.59
N ASN C 127 -1.91 -4.00 16.86
CA ASN C 127 -0.82 -4.13 17.79
C ASN C 127 -0.98 -5.36 18.71
N ILE C 128 -1.70 -6.37 18.24
CA ILE C 128 -1.85 -7.61 19.01
C ILE C 128 -1.49 -8.82 18.15
N ILE C 129 -2.18 -8.97 17.04
CA ILE C 129 -2.08 -10.23 16.23
C ILE C 129 -0.69 -10.47 15.68
N PRO C 130 0.04 -9.45 15.16
CA PRO C 130 1.37 -9.73 14.68
C PRO C 130 2.25 -10.36 15.78
N TRP C 131 2.15 -9.82 16.98
CA TRP C 131 2.95 -10.35 18.09
C TRP C 131 2.49 -11.75 18.43
N GLN C 132 1.18 -11.98 18.47
CA GLN C 132 0.65 -13.36 18.59
C GLN C 132 1.35 -14.30 17.61
N GLN C 133 1.46 -13.87 16.37
CA GLN C 133 2.11 -14.73 15.38
C GLN C 133 3.60 -14.86 15.64
N ALA C 134 4.27 -13.77 15.97
CA ALA C 134 5.72 -13.79 16.15
C ALA C 134 6.13 -14.72 17.28
N VAL C 135 5.59 -14.51 18.48
CA VAL C 135 5.80 -15.46 19.61
C VAL C 135 5.49 -16.88 19.16
N LYS C 136 4.50 -17.07 18.28
CA LYS C 136 4.06 -18.41 17.93
C LYS C 136 5.08 -19.10 17.03
N ALA C 137 5.73 -18.31 16.17
CA ALA C 137 6.78 -18.82 15.28
C ALA C 137 8.13 -18.98 15.97
N THR C 138 8.39 -18.24 17.04
CA THR C 138 9.69 -18.25 17.69
C THR C 138 9.73 -19.07 18.99
N GLY C 139 8.56 -19.50 19.51
CA GLY C 139 8.50 -20.18 20.80
C GLY C 139 8.63 -19.25 22.01
N ALA C 140 8.52 -17.94 21.81
CA ALA C 140 8.54 -16.98 22.89
C ALA C 140 7.17 -16.94 23.60
N THR C 141 6.98 -15.95 24.45
CA THR C 141 5.77 -15.87 25.26
C THR C 141 5.19 -14.47 25.20
N LEU C 142 3.87 -14.38 25.03
CA LEU C 142 3.17 -13.08 25.04
C LEU C 142 2.62 -12.84 26.46
N LYS C 143 2.85 -11.65 26.97
CA LYS C 143 2.37 -11.26 28.31
C LYS C 143 1.64 -9.93 28.23
N TYR C 144 0.64 -9.78 29.07
CA TYR C 144 -0.23 -8.62 29.07
C TYR C 144 -0.04 -7.78 30.33
N ILE C 145 0.27 -6.50 30.14
CA ILE C 145 0.26 -5.50 31.24
C ILE C 145 -1.17 -5.30 31.65
N PRO C 146 -1.49 -5.53 32.94
CA PRO C 146 -2.84 -5.26 33.38
C PRO C 146 -3.14 -3.76 33.41
N LEU C 147 -4.43 -3.45 33.42
CA LEU C 147 -4.91 -2.09 33.49
C LEU C 147 -5.61 -1.80 34.79
N GLN C 148 -5.54 -0.55 35.25
CA GLN C 148 -6.32 -0.10 36.43
C GLN C 148 -7.79 -0.09 36.04
N GLU C 149 -8.66 -0.18 37.02
CA GLU C 149 -10.11 -0.19 36.78
C GLU C 149 -10.63 0.95 35.96
N ASP C 150 -9.94 2.11 36.05
CA ASP C 150 -10.28 3.26 35.23
C ASP C 150 -9.73 3.14 33.80
N GLY C 151 -9.02 2.06 33.50
CA GLY C 151 -8.50 1.86 32.15
C GLY C 151 -7.19 2.53 31.83
N THR C 152 -6.45 2.98 32.84
CA THR C 152 -5.12 3.53 32.66
C THR C 152 -4.07 2.46 32.93
N ILE C 153 -2.82 2.79 32.63
CA ILE C 153 -1.69 1.93 32.90
C ILE C 153 -0.91 2.50 34.07
N SER C 154 -0.53 1.61 35.00
CA SER C 154 0.34 1.96 36.10
C SER C 154 1.77 1.63 35.76
N LEU C 155 2.68 2.54 36.07
CA LEU C 155 4.11 2.26 35.85
C LEU C 155 4.59 1.10 36.72
N GLU C 156 3.89 0.85 37.81
CA GLU C 156 4.26 -0.26 38.69
C GLU C 156 3.83 -1.57 38.07
N ASP C 157 2.68 -1.56 37.40
CA ASP C 157 2.19 -2.73 36.69
C ASP C 157 3.16 -3.11 35.57
N VAL C 158 3.72 -2.13 34.86
CA VAL C 158 4.65 -2.42 33.75
C VAL C 158 5.97 -2.92 34.33
N ARG C 159 6.47 -2.29 35.40
CA ARG C 159 7.71 -2.80 36.03
C ARG C 159 7.52 -4.24 36.55
N GLU C 160 6.31 -4.57 37.03
CA GLU C 160 6.02 -5.97 37.47
C GLU C 160 6.00 -6.88 36.23
N THR C 161 5.37 -6.43 35.15
CA THR C 161 5.19 -7.28 33.96
C THR C 161 6.48 -7.41 33.18
N VAL C 162 7.18 -6.31 32.98
CA VAL C 162 8.44 -6.33 32.22
C VAL C 162 9.54 -6.92 33.10
N THR C 163 10.23 -7.93 32.55
CA THR C 163 11.34 -8.60 33.23
C THR C 163 12.57 -8.57 32.33
N SER C 164 13.67 -9.11 32.85
CA SER C 164 14.91 -9.20 32.08
C SER C 164 14.77 -10.11 30.85
N ASN C 165 13.75 -10.96 30.83
CA ASN C 165 13.47 -11.83 29.71
C ASN C 165 12.66 -11.14 28.61
N THR C 166 12.17 -9.93 28.88
CA THR C 166 11.38 -9.20 27.88
C THR C 166 12.28 -8.67 26.78
N LYS C 167 11.92 -8.96 25.52
CA LYS C 167 12.66 -8.43 24.38
C LYS C 167 11.95 -7.29 23.68
N ILE C 168 10.62 -7.30 23.70
CA ILE C 168 9.82 -6.29 23.00
C ILE C 168 8.68 -5.86 23.90
N VAL C 169 8.46 -4.55 23.99
CA VAL C 169 7.26 -3.99 24.60
C VAL C 169 6.53 -3.21 23.51
N ALA C 170 5.27 -3.58 23.25
CA ALA C 170 4.45 -2.90 22.27
C ALA C 170 3.22 -2.30 22.93
N VAL C 171 2.97 -1.02 22.68
CA VAL C 171 1.93 -0.27 23.35
C VAL C 171 1.46 0.86 22.44
N SER C 172 0.15 1.12 22.46
CA SER C 172 -0.43 2.24 21.72
C SER C 172 -0.15 3.54 22.47
N HIS C 173 0.17 4.59 21.71
CA HIS C 173 0.40 5.90 22.32
C HIS C 173 -0.89 6.42 22.96
N VAL C 174 -2.00 6.33 22.22
CA VAL C 174 -3.32 6.76 22.71
C VAL C 174 -4.32 5.65 22.37
N SER C 175 -5.14 5.26 23.34
CA SER C 175 -6.17 4.24 23.11
C SER C 175 -7.30 4.80 22.27
N ASN C 176 -7.70 4.08 21.24
CA ASN C 176 -8.81 4.50 20.42
C ASN C 176 -10.17 4.26 21.06
N VAL C 177 -10.20 3.52 22.16
CA VAL C 177 -11.44 3.22 22.88
C VAL C 177 -11.53 4.07 24.16
N LEU C 178 -10.47 4.03 24.97
CA LEU C 178 -10.46 4.70 26.26
C LEU C 178 -10.08 6.16 26.23
N GLY C 179 -9.39 6.58 25.17
CA GLY C 179 -8.91 7.98 25.10
C GLY C 179 -7.70 8.25 25.97
N THR C 180 -7.14 7.21 26.59
CA THR C 180 -6.02 7.37 27.51
C THR C 180 -4.75 7.72 26.72
N VAL C 181 -3.93 8.61 27.28
CA VAL C 181 -2.62 8.88 26.74
C VAL C 181 -1.62 8.13 27.64
N ASN C 182 -1.03 7.06 27.09
CA ASN C 182 -0.15 6.20 27.86
C ASN C 182 1.21 6.88 28.09
N PRO C 183 1.85 6.64 29.25
CA PRO C 183 3.18 7.23 29.54
C PRO C 183 4.28 6.54 28.72
N ILE C 184 4.33 6.91 27.44
CA ILE C 184 5.25 6.27 26.50
C ILE C 184 6.70 6.47 26.86
N LYS C 185 7.06 7.65 27.35
CA LYS C 185 8.46 7.94 27.68
C LYS C 185 8.94 7.03 28.81
N GLU C 186 8.19 7.00 29.91
CA GLU C 186 8.55 6.19 31.11
C GLU C 186 8.53 4.70 30.73
N MET C 187 7.62 4.31 29.83
CA MET C 187 7.56 2.92 29.40
C MET C 187 8.79 2.57 28.55
N ALA C 188 9.24 3.49 27.72
CA ALA C 188 10.48 3.29 26.97
C ALA C 188 11.65 3.13 27.95
N LYS C 189 11.65 3.93 29.02
CA LYS C 189 12.71 3.83 30.02
C LYS C 189 12.71 2.45 30.69
N ILE C 190 11.53 1.97 31.08
CA ILE C 190 11.41 0.66 31.73
C ILE C 190 11.82 -0.45 30.76
N ALA C 191 11.38 -0.36 29.50
CA ALA C 191 11.74 -1.36 28.49
C ALA C 191 13.27 -1.42 28.34
N HIS C 192 13.91 -0.26 28.24
CA HIS C 192 15.36 -0.23 28.04
C HIS C 192 16.11 -0.74 29.27
N ASP C 193 15.59 -0.45 30.46
CA ASP C 193 16.23 -0.93 31.70
C ASP C 193 16.19 -2.47 31.80
N ASN C 194 15.25 -3.11 31.13
CA ASN C 194 15.12 -4.56 31.17
C ASN C 194 15.67 -5.24 29.90
N GLY C 195 16.42 -4.50 29.09
CA GLY C 195 17.00 -5.08 27.87
C GLY C 195 16.02 -5.32 26.74
N ALA C 196 14.99 -4.49 26.64
CA ALA C 196 13.98 -4.63 25.59
C ALA C 196 13.89 -3.35 24.77
N VAL C 197 13.30 -3.47 23.58
CA VAL C 197 12.97 -2.32 22.72
C VAL C 197 11.49 -2.06 22.90
N ILE C 198 11.07 -0.84 22.54
CA ILE C 198 9.66 -0.47 22.62
C ILE C 198 9.13 -0.12 21.24
N VAL C 199 7.97 -0.66 20.92
CA VAL C 199 7.27 -0.41 19.67
C VAL C 199 5.99 0.35 20.02
N VAL C 200 5.82 1.54 19.45
CA VAL C 200 4.69 2.39 19.77
C VAL C 200 3.75 2.42 18.58
N ASP C 201 2.51 2.01 18.83
CA ASP C 201 1.40 2.23 17.93
C ASP C 201 0.93 3.67 18.09
N GLY C 202 1.29 4.51 17.13
CA GLY C 202 0.93 5.93 17.25
C GLY C 202 -0.11 6.40 16.25
N ALA C 203 -1.00 5.48 15.82
CA ALA C 203 -2.06 5.78 14.85
C ALA C 203 -3.01 6.84 15.35
N GLN C 204 -3.27 6.78 16.64
CA GLN C 204 -4.25 7.65 17.28
C GLN C 204 -3.67 8.92 17.89
N SER C 205 -2.36 8.96 18.08
CA SER C 205 -1.71 10.12 18.66
C SER C 205 -1.23 11.11 17.60
N THR C 206 -0.50 10.62 16.60
CA THR C 206 0.02 11.42 15.49
C THR C 206 -0.94 12.47 14.91
N PRO C 207 -2.25 12.13 14.68
CA PRO C 207 -3.13 13.16 14.13
C PRO C 207 -3.50 14.28 15.09
N HIS C 208 -3.35 14.06 16.39
CA HIS C 208 -3.96 14.93 17.39
C HIS C 208 -2.99 15.69 18.30
N MET C 209 -1.73 15.29 18.35
CA MET C 209 -0.74 15.84 19.27
C MET C 209 0.60 15.76 18.61
N LYS C 210 1.48 16.68 18.99
CA LYS C 210 2.84 16.69 18.47
C LYS C 210 3.58 15.39 18.78
N ILE C 211 4.32 14.87 17.81
CA ILE C 211 5.13 13.68 18.03
C ILE C 211 6.61 14.06 17.95
N ASP C 212 7.36 13.69 18.98
CA ASP C 212 8.81 13.84 19.01
C ASP C 212 9.39 12.49 19.35
N VAL C 213 9.85 11.78 18.33
CA VAL C 213 10.36 10.42 18.57
C VAL C 213 11.66 10.43 19.36
N GLN C 214 12.41 11.54 19.26
CA GLN C 214 13.66 11.66 20.03
C GLN C 214 13.40 11.82 21.52
N ASP C 215 12.43 12.66 21.87
CA ASP C 215 12.07 12.83 23.28
C ASP C 215 11.37 11.58 23.82
N LEU C 216 10.51 10.97 23.01
CA LEU C 216 9.85 9.73 23.41
C LEU C 216 10.85 8.59 23.56
N ASP C 217 11.96 8.66 22.79
CA ASP C 217 12.99 7.62 22.78
C ASP C 217 12.41 6.26 22.44
N CYS C 218 11.30 6.23 21.71
CA CYS C 218 10.74 4.98 21.24
C CYS C 218 11.67 4.38 20.17
N ASP C 219 11.73 3.05 20.14
CA ASP C 219 12.54 2.36 19.13
C ASP C 219 11.79 2.24 17.80
N PHE C 220 10.46 2.06 17.85
CA PHE C 220 9.65 2.03 16.65
C PHE C 220 8.36 2.82 16.87
N PHE C 221 7.87 3.41 15.78
CA PHE C 221 6.67 4.23 15.81
C PHE C 221 5.94 4.05 14.47
N ALA C 222 4.66 3.70 14.54
CA ALA C 222 3.81 3.45 13.36
C ALA C 222 2.66 4.47 13.32
N LEU C 223 2.34 4.96 12.12
CA LEU C 223 1.28 5.95 11.94
C LEU C 223 0.60 5.76 10.59
N SER C 224 -0.63 6.28 10.50
CA SER C 224 -1.48 6.14 9.31
C SER C 224 -1.86 7.50 8.80
N SER C 225 -1.71 7.70 7.50
CA SER C 225 -2.05 9.00 6.89
C SER C 225 -3.53 9.30 6.91
N HIS C 226 -4.38 8.30 6.69
CA HIS C 226 -5.80 8.54 6.53
C HIS C 226 -6.47 9.09 7.81
N LYS C 227 -5.79 9.00 8.93
CA LYS C 227 -6.29 9.52 10.21
C LYS C 227 -5.82 10.93 10.51
N MET C 228 -4.90 11.48 9.70
CA MET C 228 -4.34 12.79 9.95
C MET C 228 -4.54 13.69 8.74
N CYS C 229 -5.77 13.68 8.22
CA CYS C 229 -6.17 14.50 7.06
C CYS C 229 -5.46 14.13 5.78
N GLY C 230 -4.80 12.97 5.75
CA GLY C 230 -4.05 12.55 4.59
C GLY C 230 -4.75 11.50 3.77
N PRO C 231 -4.17 11.17 2.59
CA PRO C 231 -4.78 10.18 1.70
C PRO C 231 -4.83 8.79 2.31
N THR C 232 -5.76 7.98 1.83
CA THR C 232 -5.85 6.60 2.24
C THR C 232 -4.66 5.82 1.66
N GLY C 233 -4.27 4.72 2.29
CA GLY C 233 -3.33 3.83 1.63
C GLY C 233 -1.85 4.10 1.90
N VAL C 234 -1.55 5.09 2.71
CA VAL C 234 -0.16 5.37 3.05
C VAL C 234 -0.01 5.55 4.56
N GLY C 235 1.13 5.15 5.08
CA GLY C 235 1.49 5.34 6.47
C GLY C 235 2.98 5.45 6.63
N VAL C 236 3.49 5.43 7.85
CA VAL C 236 4.91 5.56 8.10
C VAL C 236 5.33 4.55 9.15
N LEU C 237 6.49 3.95 8.93
CA LEU C 237 7.22 3.23 9.96
C LEU C 237 8.49 4.03 10.29
N TYR C 238 8.61 4.45 11.53
CA TYR C 238 9.86 4.99 12.04
C TYR C 238 10.54 3.95 12.88
N GLY C 239 11.85 3.83 12.72
CA GLY C 239 12.65 2.98 13.60
C GLY C 239 14.02 3.58 13.77
N LYS C 240 14.58 3.43 14.98
CA LYS C 240 15.95 3.89 15.24
C LYS C 240 16.90 3.33 14.17
N LYS C 241 17.74 4.21 13.63
CA LYS C 241 18.62 3.87 12.50
C LYS C 241 19.41 2.58 12.73
N ALA C 242 20.00 2.47 13.92
CA ALA C 242 20.83 1.33 14.29
C ALA C 242 20.03 0.01 14.21
N LEU C 243 18.73 0.07 14.54
CA LEU C 243 17.92 -1.13 14.47
C LEU C 243 17.53 -1.45 13.02
N LEU C 244 17.18 -0.44 12.25
CA LEU C 244 16.85 -0.67 10.85
C LEU C 244 18.03 -1.21 10.05
N GLU C 245 19.24 -0.82 10.42
CA GLU C 245 20.44 -1.32 9.72
C GLU C 245 20.56 -2.83 9.77
N ASN C 246 20.17 -3.44 10.88
CA ASN C 246 20.36 -4.87 11.11
C ASN C 246 19.09 -5.68 10.93
N MET C 247 17.99 -5.07 10.52
CA MET C 247 16.79 -5.82 10.14
C MET C 247 16.79 -6.09 8.65
N GLU C 248 16.42 -7.33 8.31
CA GLU C 248 16.24 -7.73 6.92
C GLU C 248 15.04 -7.03 6.34
N PRO C 249 15.00 -6.76 5.01
CA PRO C 249 13.80 -6.22 4.42
C PRO C 249 12.58 -7.12 4.61
N ALA C 250 11.41 -6.49 4.65
CA ALA C 250 10.16 -7.19 4.76
C ALA C 250 9.62 -7.67 3.40
N GLU C 251 10.02 -6.99 2.34
CA GLU C 251 9.60 -7.35 0.98
C GLU C 251 10.78 -7.17 0.05
N PHE C 252 10.71 -7.88 -1.07
CA PHE C 252 11.82 -7.93 -2.02
C PHE C 252 11.34 -7.70 -3.43
N GLY C 253 12.09 -6.92 -4.20
CA GLY C 253 11.68 -6.52 -5.53
C GLY C 253 12.54 -5.37 -5.97
N GLY C 254 12.03 -4.63 -6.97
CA GLY C 254 12.70 -3.46 -7.52
C GLY C 254 12.81 -2.37 -6.48
N GLU C 255 13.62 -1.36 -6.72
CA GLU C 255 13.74 -0.17 -5.85
C GLU C 255 14.49 -0.40 -4.54
N MET C 256 14.34 -1.57 -3.93
CA MET C 256 14.98 -1.84 -2.65
C MET C 256 16.33 -2.54 -2.76
N ILE C 257 16.80 -2.78 -3.98
CA ILE C 257 18.02 -3.52 -4.22
C ILE C 257 19.16 -2.61 -4.65
N ASP C 258 20.37 -3.16 -4.57
CA ASP C 258 21.57 -2.54 -5.08
C ASP C 258 22.03 -3.31 -6.33
N PHE C 259 22.31 -4.60 -6.15
CA PHE C 259 22.63 -5.52 -7.23
C PHE C 259 21.77 -6.76 -7.18
N VAL C 260 21.38 -7.25 -8.36
CA VAL C 260 20.60 -8.48 -8.46
C VAL C 260 21.30 -9.46 -9.39
N GLY C 261 21.78 -10.56 -8.82
CA GLY C 261 22.28 -11.72 -9.53
C GLY C 261 21.20 -12.78 -9.65
N LEU C 262 21.54 -13.89 -10.31
CA LEU C 262 20.57 -14.97 -10.47
C LEU C 262 20.23 -15.60 -9.12
N TYR C 263 21.22 -15.67 -8.21
CA TYR C 263 21.05 -16.39 -6.97
C TYR C 263 21.17 -15.56 -5.71
N GLU C 264 21.72 -14.33 -5.82
CA GLU C 264 21.90 -13.48 -4.64
C GLU C 264 21.63 -12.04 -5.04
N SER C 265 21.24 -11.24 -4.05
CA SER C 265 21.06 -9.82 -4.24
C SER C 265 21.50 -9.06 -3.00
N THR C 266 21.95 -7.84 -3.22
CA THR C 266 22.35 -6.94 -2.13
C THR C 266 21.26 -5.86 -1.97
N TRP C 267 21.12 -5.36 -0.76
CA TRP C 267 20.05 -4.40 -0.49
C TRP C 267 20.53 -2.98 -0.61
N LYS C 268 19.60 -2.08 -0.95
CA LYS C 268 19.85 -0.64 -0.93
C LYS C 268 20.02 -0.15 0.52
N GLU C 269 20.66 0.98 0.68
CA GLU C 269 20.80 1.60 1.99
C GLU C 269 19.41 2.07 2.47
N LEU C 270 19.30 2.38 3.75
CA LEU C 270 18.08 2.96 4.30
C LEU C 270 17.82 4.34 3.71
N PRO C 271 16.55 4.74 3.57
CA PRO C 271 15.37 3.98 4.00
C PRO C 271 14.83 3.02 2.91
N TRP C 272 15.38 3.15 1.69
CA TRP C 272 14.84 2.45 0.52
C TRP C 272 14.95 0.94 0.61
N LYS C 273 15.82 0.44 1.50
CA LYS C 273 15.88 -1.00 1.85
C LYS C 273 14.50 -1.60 2.07
N PHE C 274 13.59 -0.81 2.64
CA PHE C 274 12.29 -1.31 3.05
C PHE C 274 11.15 -0.84 2.16
N GLU C 275 11.45 -0.28 0.99
CA GLU C 275 10.43 0.20 0.07
C GLU C 275 10.58 -0.53 -1.28
N ALA C 276 9.91 -1.67 -1.38
CA ALA C 276 9.96 -2.52 -2.55
C ALA C 276 8.91 -2.10 -3.58
N GLY C 277 9.31 -2.04 -4.86
CA GLY C 277 8.40 -1.76 -5.97
C GLY C 277 8.05 -0.30 -6.08
N THR C 278 7.22 0.01 -7.07
CA THR C 278 6.69 1.37 -7.25
C THR C 278 6.04 1.82 -5.95
N PRO C 279 6.54 2.90 -5.35
CA PRO C 279 6.02 3.29 -4.05
C PRO C 279 4.67 4.01 -4.19
N ILE C 280 4.06 4.32 -3.04
CA ILE C 280 2.77 5.04 -3.00
C ILE C 280 3.03 6.52 -3.25
N ILE C 281 3.24 6.88 -4.52
CA ILE C 281 3.76 8.19 -4.89
C ILE C 281 2.81 9.32 -4.49
N ALA C 282 1.62 9.28 -5.08
CA ALA C 282 0.64 10.37 -4.86
C ALA C 282 0.24 10.42 -3.39
N GLY C 283 0.07 9.25 -2.77
CA GLY C 283 -0.32 9.20 -1.36
C GLY C 283 0.72 9.82 -0.44
N ALA C 284 2.00 9.51 -0.67
CA ALA C 284 3.06 10.08 0.14
C ALA C 284 3.12 11.62 -0.04
N ILE C 285 3.02 12.09 -1.29
CA ILE C 285 3.05 13.54 -1.53
C ILE C 285 1.86 14.20 -0.83
N GLY C 286 0.70 13.56 -0.88
CA GLY C 286 -0.49 14.11 -0.21
C GLY C 286 -0.38 14.09 1.30
N LEU C 287 0.30 13.08 1.84
CA LEU C 287 0.55 13.05 3.28
C LEU C 287 1.47 14.20 3.67
N GLY C 288 2.45 14.51 2.83
CA GLY C 288 3.27 15.69 3.06
C GLY C 288 2.44 16.97 3.07
N ALA C 289 1.49 17.06 2.15
CA ALA C 289 0.58 18.22 2.12
C ALA C 289 -0.24 18.29 3.41
N ALA C 290 -0.75 17.15 3.88
CA ALA C 290 -1.52 17.12 5.11
C ALA C 290 -0.68 17.53 6.30
N ILE C 291 0.59 17.13 6.30
CA ILE C 291 1.52 17.55 7.38
C ILE C 291 1.71 19.07 7.34
N ASP C 292 1.89 19.65 6.15
CA ASP C 292 2.01 21.10 6.04
C ASP C 292 0.77 21.78 6.62
N PHE C 293 -0.41 21.26 6.27
CA PHE C 293 -1.67 21.83 6.72
C PHE C 293 -1.77 21.79 8.26
N LEU C 294 -1.57 20.61 8.82
CA LEU C 294 -1.65 20.44 10.28
C LEU C 294 -0.61 21.29 11.01
N GLU C 295 0.58 21.42 10.43
CA GLU C 295 1.63 22.24 11.05
C GLU C 295 1.23 23.70 11.04
N GLU C 296 0.67 24.18 9.92
CA GLU C 296 0.26 25.58 9.84
C GLU C 296 -0.80 25.86 10.90
N ILE C 297 -1.74 24.95 11.11
CA ILE C 297 -2.72 25.13 12.19
C ILE C 297 -2.02 25.03 13.54
N GLY C 298 -1.14 24.04 13.68
CA GLY C 298 -0.45 23.82 14.95
C GLY C 298 -1.06 22.66 15.71
N LEU C 299 -0.24 21.63 15.92
CA LEU C 299 -0.70 20.47 16.65
C LEU C 299 -1.07 20.80 18.10
N ASP C 300 -0.42 21.80 18.68
CA ASP C 300 -0.77 22.20 20.03
C ASP C 300 -2.14 22.83 20.10
N GLU C 301 -2.51 23.61 19.09
CA GLU C 301 -3.86 24.18 19.02
C GLU C 301 -4.91 23.07 18.76
N ILE C 302 -4.54 22.06 17.96
CA ILE C 302 -5.47 20.97 17.67
C ILE C 302 -5.69 20.14 18.94
N SER C 303 -4.63 19.92 19.69
CA SER C 303 -4.73 19.17 20.95
C SER C 303 -5.53 19.94 21.99
N ARG C 304 -5.28 21.25 22.13
CA ARG C 304 -6.01 22.10 23.10
C ARG C 304 -7.50 22.10 22.74
N HIS C 305 -7.81 22.29 21.44
CA HIS C 305 -9.19 22.28 20.96
C HIS C 305 -9.88 20.95 21.29
N GLU C 306 -9.20 19.84 21.00
CA GLU C 306 -9.81 18.51 21.26
C GLU C 306 -9.98 18.27 22.75
N HIS C 307 -9.06 18.75 23.58
CA HIS C 307 -9.28 18.58 25.00
C HIS C 307 -10.50 19.37 25.36
N LYS C 308 -10.58 20.64 24.99
CA LYS C 308 -11.74 21.45 25.34
C LYS C 308 -13.05 20.73 24.98
N LEU C 309 -13.11 20.16 23.80
CA LEU C 309 -14.35 19.47 23.39
C LEU C 309 -14.55 18.19 24.16
N ALA C 310 -13.47 17.49 24.51
CA ALA C 310 -13.57 16.27 25.33
C ALA C 310 -14.14 16.58 26.71
N ALA C 311 -13.65 17.65 27.34
CA ALA C 311 -14.13 18.04 28.64
C ALA C 311 -15.61 18.45 28.55
N TYR C 312 -15.94 19.26 27.54
CA TYR C 312 -17.33 19.69 27.33
C TYR C 312 -18.25 18.46 27.14
N ALA C 313 -17.80 17.52 26.33
CA ALA C 313 -18.58 16.32 26.08
C ALA C 313 -18.78 15.50 27.35
N LEU C 314 -17.73 15.31 28.14
CA LEU C 314 -17.85 14.50 29.36
C LEU C 314 -18.85 15.14 30.32
N GLU C 315 -18.70 16.44 30.53
CA GLU C 315 -19.56 17.18 31.45
C GLU C 315 -21.02 17.12 31.01
N ARG C 316 -21.26 17.30 29.73
CA ARG C 316 -22.62 17.15 29.20
C ARG C 316 -23.07 15.67 29.29
N PHE C 317 -22.15 14.72 29.18
CA PHE C 317 -22.55 13.31 29.08
C PHE C 317 -23.15 12.72 30.35
N ARG C 318 -22.50 12.96 31.47
CA ARG C 318 -22.98 12.21 32.67
C ARG C 318 -24.15 12.87 33.38
N GLN C 319 -24.39 14.14 33.06
CA GLN C 319 -25.64 14.82 33.41
C GLN C 319 -26.82 14.43 32.49
N LEU C 320 -26.54 13.60 31.48
CA LEU C 320 -27.51 12.68 30.95
C LEU C 320 -27.42 11.34 31.73
N ASP C 321 -28.53 10.96 32.37
CA ASP C 321 -28.63 9.64 32.99
C ASP C 321 -28.57 8.49 31.98
N GLY C 322 -28.19 7.33 32.49
CA GLY C 322 -28.27 6.12 31.72
C GLY C 322 -27.26 6.04 30.60
N VAL C 323 -26.16 6.78 30.74
CA VAL C 323 -25.00 6.54 29.91
C VAL C 323 -23.78 6.31 30.78
N THR C 324 -23.14 5.17 30.57
CA THR C 324 -21.77 4.96 30.99
C THR C 324 -20.81 5.31 29.85
N VAL C 325 -19.87 6.21 30.21
CA VAL C 325 -18.65 6.54 29.50
C VAL C 325 -17.52 5.67 30.10
N TYR C 326 -16.70 5.11 29.23
CA TYR C 326 -15.56 4.32 29.68
C TYR C 326 -14.30 5.19 29.64
N GLY C 327 -13.44 4.99 30.63
CA GLY C 327 -12.14 5.61 30.69
C GLY C 327 -12.04 6.84 31.54
N PRO C 328 -10.83 7.40 31.64
CA PRO C 328 -10.54 8.39 32.69
C PRO C 328 -10.92 9.79 32.28
N GLU C 329 -10.84 10.70 33.25
CA GLU C 329 -11.24 12.09 33.04
C GLU C 329 -10.39 12.82 32.01
N GLU C 330 -9.08 12.81 32.21
CA GLU C 330 -8.10 13.32 31.24
C GLU C 330 -8.02 12.35 30.06
N ARG C 331 -8.28 12.84 28.86
CA ARG C 331 -8.42 11.95 27.71
C ARG C 331 -8.15 12.68 26.44
N ALA C 332 -8.08 11.90 25.35
CA ALA C 332 -7.98 12.51 24.03
C ALA C 332 -9.36 12.90 23.56
N GLY C 333 -9.46 13.38 22.33
CA GLY C 333 -10.73 13.83 21.77
C GLY C 333 -11.62 12.69 21.30
N LEU C 334 -12.06 11.83 22.21
CA LEU C 334 -13.02 10.78 21.91
C LEU C 334 -13.72 10.35 23.17
N VAL C 335 -14.93 9.83 23.02
CA VAL C 335 -15.74 9.34 24.14
C VAL C 335 -16.37 8.03 23.70
N THR C 336 -16.07 6.95 24.45
CA THR C 336 -16.73 5.66 24.25
C THR C 336 -17.77 5.45 25.32
N PHE C 337 -18.98 5.10 24.93
CA PHE C 337 -20.12 5.09 25.84
C PHE C 337 -21.14 4.04 25.48
N ASN C 338 -22.09 3.85 26.39
CA ASN C 338 -23.26 3.02 26.12
C ASN C 338 -24.53 3.54 26.75
N LEU C 339 -25.63 3.48 26.01
CA LEU C 339 -26.99 3.72 26.54
C LEU C 339 -27.59 2.42 27.00
N ASP C 340 -28.26 2.45 28.15
CA ASP C 340 -28.85 1.24 28.73
C ASP C 340 -29.92 0.65 27.84
N ASP C 341 -29.86 -0.65 27.60
CA ASP C 341 -30.89 -1.41 26.86
C ASP C 341 -31.08 -0.98 25.42
N VAL C 342 -30.10 -0.28 24.86
CA VAL C 342 -30.12 0.06 23.44
C VAL C 342 -28.73 -0.28 22.88
N HIS C 343 -28.66 -1.31 22.03
CA HIS C 343 -27.39 -1.74 21.48
C HIS C 343 -26.81 -0.60 20.66
N PRO C 344 -25.51 -0.34 20.72
CA PRO C 344 -24.90 0.73 19.94
C PRO C 344 -25.20 0.76 18.42
N HIS C 345 -25.55 -0.37 17.81
CA HIS C 345 -25.94 -0.36 16.40
C HIS C 345 -27.23 0.45 16.19
N ASP C 346 -28.22 0.21 17.05
CA ASP C 346 -29.47 0.96 17.00
C ASP C 346 -29.21 2.46 17.30
N VAL C 347 -28.35 2.76 18.27
CA VAL C 347 -27.96 4.14 18.61
C VAL C 347 -27.35 4.81 17.37
N ALA C 348 -26.44 4.09 16.71
CA ALA C 348 -25.76 4.65 15.57
C ALA C 348 -26.76 4.91 14.41
N THR C 349 -27.74 4.02 14.23
CA THR C 349 -28.74 4.20 13.17
C THR C 349 -29.61 5.43 13.47
N VAL C 350 -30.01 5.63 14.73
CA VAL C 350 -30.82 6.81 15.09
C VAL C 350 -29.99 8.08 14.92
N LEU C 351 -28.74 8.05 15.38
CA LEU C 351 -27.88 9.20 15.26
C LEU C 351 -27.65 9.57 13.79
N ASP C 352 -27.42 8.56 12.94
CA ASP C 352 -27.27 8.79 11.51
C ASP C 352 -28.57 9.28 10.88
N ALA C 353 -29.72 8.89 11.43
CA ALA C 353 -30.98 9.44 10.97
C ALA C 353 -31.08 10.94 11.30
N GLU C 354 -30.37 11.38 12.34
CA GLU C 354 -30.17 12.81 12.58
C GLU C 354 -28.87 13.35 12.01
N GLY C 355 -28.30 12.64 11.05
CA GLY C 355 -27.12 13.09 10.32
C GLY C 355 -25.79 12.93 11.05
N ILE C 356 -25.77 12.23 12.18
CA ILE C 356 -24.57 12.14 13.02
C ILE C 356 -23.88 10.81 12.77
N ALA C 357 -22.57 10.85 12.56
CA ALA C 357 -21.77 9.67 12.27
C ALA C 357 -20.93 9.27 13.47
N VAL C 358 -21.19 8.08 14.01
CA VAL C 358 -20.38 7.50 15.08
C VAL C 358 -20.13 6.04 14.73
N ARG C 359 -19.21 5.42 15.47
CA ARG C 359 -18.86 4.02 15.28
C ARG C 359 -19.46 3.20 16.44
N ALA C 360 -19.83 1.96 16.12
CA ALA C 360 -20.44 1.08 17.11
C ALA C 360 -19.92 -0.33 17.02
N GLY C 361 -19.22 -0.81 18.06
CA GLY C 361 -18.76 -2.19 18.11
C GLY C 361 -17.26 -2.37 18.13
N HIS C 362 -16.78 -3.07 19.14
CA HIS C 362 -15.36 -3.52 19.24
C HIS C 362 -14.28 -2.49 19.05
N HIS C 363 -14.39 -1.72 17.96
CA HIS C 363 -13.35 -0.78 17.51
C HIS C 363 -12.00 -1.45 17.38
N ALA C 365 -10.75 -3.86 19.08
CA ALA C 365 -10.12 -4.09 20.37
C ALA C 365 -10.97 -5.03 21.21
N GLN C 366 -11.09 -6.24 20.68
CA GLN C 366 -11.88 -7.31 21.32
C GLN C 366 -11.48 -7.60 22.77
N PRO C 367 -10.16 -7.79 23.07
CA PRO C 367 -9.81 -8.05 24.46
C PRO C 367 -10.23 -6.91 25.41
N LEU C 368 -10.15 -5.66 24.93
CA LEU C 368 -10.63 -4.55 25.74
C LEU C 368 -12.11 -4.66 26.00
N MET C 369 -12.88 -5.08 25.00
CA MET C 369 -14.31 -5.31 25.19
C MET C 369 -14.55 -6.38 26.26
N LYS C 370 -13.79 -7.46 26.20
CA LYS C 370 -13.89 -8.49 27.23
C LYS C 370 -13.55 -7.94 28.61
N TRP C 371 -12.53 -7.08 28.68
CA TRP C 371 -12.10 -6.47 29.93
C TRP C 371 -13.15 -5.51 30.49
N LEU C 372 -13.95 -4.89 29.62
CA LEU C 372 -15.01 -4.00 30.05
C LEU C 372 -16.33 -4.75 30.33
N ASP C 373 -16.35 -6.07 30.13
CA ASP C 373 -17.53 -6.90 30.34
C ASP C 373 -18.71 -6.42 29.48
N VAL C 374 -18.41 -6.06 28.24
CA VAL C 374 -19.40 -5.57 27.29
C VAL C 374 -19.11 -6.19 25.93
N THR C 375 -20.17 -6.34 25.14
CA THR C 375 -20.13 -6.96 23.82
C THR C 375 -19.88 -5.95 22.68
N ALA C 376 -20.19 -4.68 22.94
CA ALA C 376 -20.04 -3.62 21.96
C ALA C 376 -20.27 -2.27 22.66
N THR C 377 -19.73 -1.22 22.05
CA THR C 377 -19.81 0.13 22.56
C THR C 377 -20.07 1.11 21.41
N ALA C 378 -20.51 2.31 21.77
CA ALA C 378 -20.63 3.42 20.83
C ALA C 378 -19.48 4.40 21.07
N ARG C 379 -19.05 5.09 20.04
CA ARG C 379 -17.91 5.99 20.16
C ARG C 379 -18.07 7.18 19.26
N ALA C 380 -18.04 8.36 19.87
CA ALA C 380 -17.93 9.63 19.16
C ALA C 380 -16.52 10.16 19.35
N SER C 381 -15.89 10.55 18.24
CA SER C 381 -14.54 11.08 18.27
C SER C 381 -14.54 12.48 17.65
N PHE C 382 -13.60 13.28 18.08
CA PHE C 382 -13.49 14.67 17.64
C PHE C 382 -12.17 14.92 16.99
N TYR C 383 -12.18 15.94 16.11
CA TYR C 383 -11.01 16.40 15.44
C TYR C 383 -11.09 17.92 15.26
N LEU C 384 -10.18 18.48 14.47
CA LEU C 384 -10.01 19.91 14.37
C LEU C 384 -11.21 20.65 13.82
N TYR C 385 -12.07 19.95 13.08
CA TYR C 385 -13.23 20.56 12.43
C TYR C 385 -14.52 20.40 13.21
N ASN C 386 -14.47 19.82 14.41
CA ASN C 386 -15.68 19.61 15.19
C ASN C 386 -15.94 20.77 16.18
N THR C 387 -17.21 20.99 16.51
CA THR C 387 -17.64 22.14 17.34
C THR C 387 -18.36 21.67 18.57
N GLU C 388 -18.56 22.61 19.49
CA GLU C 388 -19.39 22.36 20.65
C GLU C 388 -20.87 22.19 20.23
N GLU C 389 -21.30 22.89 19.17
CA GLU C 389 -22.65 22.72 18.65
C GLU C 389 -22.93 21.29 18.22
N GLU C 390 -21.96 20.64 17.59
CA GLU C 390 -22.15 19.24 17.15
C GLU C 390 -22.22 18.33 18.37
N ILE C 391 -21.52 18.66 19.47
CA ILE C 391 -21.66 17.92 20.72
C ILE C 391 -23.11 18.06 21.23
N ASP C 392 -23.64 19.28 21.17
CA ASP C 392 -25.03 19.51 21.58
C ASP C 392 -25.99 18.67 20.73
N LYS C 393 -25.76 18.64 19.41
CA LYS C 393 -26.60 17.82 18.52
C LYS C 393 -26.49 16.35 18.89
N LEU C 394 -25.29 15.89 19.22
CA LEU C 394 -25.08 14.48 19.62
C LEU C 394 -25.87 14.15 20.87
N VAL C 395 -25.83 15.01 21.89
CA VAL C 395 -26.54 14.72 23.15
C VAL C 395 -28.05 14.75 22.91
N GLU C 396 -28.52 15.72 22.10
CA GLU C 396 -29.96 15.80 21.79
C GLU C 396 -30.40 14.53 21.06
N ALA C 397 -29.54 14.03 20.17
CA ALA C 397 -29.89 12.82 19.42
C ALA C 397 -29.86 11.60 20.31
N LEU C 398 -28.92 11.53 21.25
CA LEU C 398 -28.92 10.45 22.22
C LEU C 398 -30.21 10.45 23.03
N GLN C 399 -30.69 11.66 23.38
CA GLN C 399 -31.94 11.73 24.13
C GLN C 399 -33.13 11.28 23.27
N LYS C 400 -33.16 11.70 22.01
CA LYS C 400 -34.21 11.18 21.11
C LYS C 400 -34.11 9.67 20.97
N THR C 401 -32.90 9.13 20.98
CA THR C 401 -32.72 7.68 20.87
C THR C 401 -33.33 6.97 22.05
N LYS C 402 -33.02 7.44 23.27
CA LYS C 402 -33.60 6.86 24.49
C LYS C 402 -35.13 6.94 24.42
N GLU C 403 -35.67 8.14 24.15
CA GLU C 403 -37.14 8.32 24.16
C GLU C 403 -37.80 7.48 23.05
N TYR C 404 -37.12 7.31 21.93
CA TYR C 404 -37.67 6.47 20.84
C TYR C 404 -37.73 5.02 21.26
N PHE C 405 -36.69 4.54 21.94
CA PHE C 405 -36.68 3.14 22.31
C PHE C 405 -37.39 2.86 23.61
N THR C 406 -37.92 3.87 24.28
CA THR C 406 -38.85 3.68 25.38
C THR C 406 -40.30 3.58 24.85
N ASN C 407 -40.64 4.27 23.76
CA ASN C 407 -41.98 4.14 23.10
C ASN C 407 -42.20 2.79 22.40
N VAL C 408 -41.77 1.72 23.06
CA VAL C 408 -41.76 0.36 22.52
C VAL C 408 -41.31 -0.48 23.70
N ASN D 6 21.43 25.47 -25.91
CA ASN D 6 20.75 24.19 -26.17
C ASN D 6 21.35 23.10 -25.26
N LEU D 7 21.52 21.92 -25.85
CA LEU D 7 22.26 20.82 -25.25
C LEU D 7 23.73 21.18 -25.08
N ASP D 8 24.20 22.20 -25.81
CA ASP D 8 25.60 22.65 -25.79
C ASP D 8 25.97 23.32 -24.49
N THR D 9 24.98 23.67 -23.69
CA THR D 9 25.24 24.25 -22.39
C THR D 9 25.39 23.16 -21.32
N LEU D 10 25.15 21.89 -21.69
CA LEU D 10 25.52 20.74 -20.83
C LEU D 10 26.77 20.05 -21.30
N TYR D 11 26.86 19.76 -22.59
CA TYR D 11 27.98 18.98 -23.15
C TYR D 11 29.06 19.92 -23.65
N ARG D 12 29.62 20.66 -22.71
CA ARG D 12 30.65 21.65 -23.02
C ARG D 12 31.92 20.96 -23.49
N GLN D 13 32.68 21.66 -24.33
CA GLN D 13 33.87 21.11 -25.04
C GLN D 13 34.86 20.42 -24.12
N VAL D 14 35.10 21.01 -22.95
CA VAL D 14 36.04 20.43 -21.98
C VAL D 14 35.50 19.09 -21.43
N ILE D 15 34.19 19.06 -21.18
CA ILE D 15 33.53 17.83 -20.74
C ILE D 15 33.69 16.73 -21.78
N MET D 16 33.40 17.07 -23.03
CA MET D 16 33.49 16.06 -24.09
C MET D 16 34.95 15.64 -24.33
N ASP D 17 35.89 16.52 -24.04
CA ASP D 17 37.30 16.17 -24.16
C ASP D 17 37.68 15.17 -23.06
N HIS D 18 37.29 15.42 -21.81
CA HIS D 18 37.54 14.47 -20.75
C HIS D 18 36.78 13.14 -20.96
N TYR D 19 35.64 13.17 -21.63
CA TYR D 19 34.95 11.94 -21.95
C TYR D 19 35.73 11.13 -23.00
N LYS D 20 36.12 11.79 -24.08
CA LYS D 20 36.95 11.13 -25.12
C LYS D 20 38.31 10.68 -24.55
N ASN D 21 39.01 11.57 -23.85
CA ASN D 21 40.37 11.29 -23.38
C ASN D 21 40.46 11.42 -21.87
N PRO D 22 40.00 10.38 -21.10
CA PRO D 22 40.05 10.53 -19.64
C PRO D 22 41.47 10.55 -19.14
N ARG D 23 41.67 11.16 -17.99
CA ARG D 23 42.99 11.49 -17.49
C ARG D 23 43.67 10.40 -16.69
N ASN D 24 43.10 10.07 -15.54
CA ASN D 24 43.72 9.06 -14.64
C ASN D 24 43.07 7.68 -14.78
N LYS D 25 43.24 7.05 -15.96
CA LYS D 25 42.59 5.76 -16.23
C LYS D 25 43.45 4.60 -15.79
N GLY D 26 42.90 3.83 -14.85
CA GLY D 26 43.55 2.67 -14.27
C GLY D 26 43.10 2.41 -12.85
N VAL D 27 43.51 1.25 -12.34
CA VAL D 27 43.34 0.86 -10.92
C VAL D 27 44.73 0.53 -10.38
N LEU D 28 45.19 1.24 -9.34
CA LEU D 28 46.62 1.13 -9.05
C LEU D 28 46.92 0.77 -7.62
N ASN D 29 47.84 -0.21 -7.46
CA ASN D 29 48.56 -0.64 -6.27
C ASN D 29 48.03 -0.46 -4.85
N ASP D 30 48.97 -0.55 -3.92
CA ASP D 30 48.76 -0.45 -2.48
C ASP D 30 48.00 0.84 -2.24
N SER D 31 46.68 0.76 -2.11
CA SER D 31 45.84 1.96 -2.09
C SER D 31 44.49 1.65 -1.46
N ILE D 32 43.73 2.73 -1.27
CA ILE D 32 42.32 2.61 -0.89
C ILE D 32 41.49 2.63 -2.17
N VAL D 33 40.76 1.57 -2.39
CA VAL D 33 40.06 1.35 -3.65
C VAL D 33 38.60 1.07 -3.35
N VAL D 34 37.70 1.98 -3.73
CA VAL D 34 36.26 1.77 -3.58
C VAL D 34 35.65 1.78 -4.97
N ASP D 35 34.50 1.16 -5.10
CA ASP D 35 33.78 1.08 -6.36
C ASP D 35 32.34 1.58 -6.09
N MET D 36 31.78 2.11 -7.15
CA MET D 36 30.52 2.76 -7.09
C MET D 36 29.64 2.47 -8.28
N ASN D 37 28.36 2.57 -8.06
CA ASN D 37 27.43 2.42 -9.16
C ASN D 37 26.30 3.39 -9.01
N ASN D 38 26.02 4.17 -10.09
CA ASN D 38 24.90 5.09 -10.14
C ASN D 38 23.64 4.23 -10.13
N PRO D 39 22.65 4.61 -9.30
CA PRO D 39 21.38 3.91 -9.15
C PRO D 39 20.81 3.36 -10.45
N THR D 40 20.70 4.25 -11.45
CA THR D 40 20.32 3.83 -12.79
C THR D 40 21.58 3.15 -13.37
N GLY D 42 24.16 2.39 -15.15
CA GLY D 42 24.89 2.57 -16.41
C GLY D 42 26.19 3.27 -16.17
N ASP D 43 26.34 3.79 -14.97
CA ASP D 43 27.59 4.41 -14.54
C ASP D 43 28.22 3.54 -13.49
N ARG D 44 29.42 3.01 -13.77
CA ARG D 44 30.25 2.28 -12.82
C ARG D 44 31.63 2.93 -12.76
N ILE D 45 32.09 3.08 -11.53
CA ILE D 45 33.40 3.62 -11.24
C ILE D 45 34.07 2.73 -10.21
N ARG D 46 35.39 2.54 -10.34
CA ARG D 46 36.23 2.04 -9.27
C ARG D 46 37.37 3.03 -9.04
N LEU D 47 37.31 3.75 -7.92
CA LEU D 47 38.25 4.78 -7.60
C LEU D 47 39.44 4.26 -6.83
N THR D 48 40.63 4.66 -7.27
CA THR D 48 41.86 4.27 -6.64
C THR D 48 42.61 5.51 -6.15
N MET D 49 42.87 5.55 -4.85
CA MET D 49 43.57 6.67 -4.22
C MET D 49 44.64 6.12 -3.29
N LYS D 50 45.87 6.63 -3.44
CA LYS D 50 46.96 6.39 -2.49
C LYS D 50 47.10 7.68 -1.71
N LEU D 51 47.06 7.60 -0.39
CA LEU D 51 47.04 8.80 0.45
C LEU D 51 48.38 8.91 1.17
N ASP D 52 48.97 10.12 1.18
CA ASP D 52 50.28 10.33 1.72
C ASP D 52 50.16 11.06 3.05
N GLY D 53 49.87 10.30 4.11
CA GLY D 53 49.73 10.88 5.44
C GLY D 53 48.41 11.61 5.56
N ASP D 54 48.27 12.77 4.89
CA ASP D 54 47.13 13.67 4.95
C ASP D 54 46.77 14.31 3.60
N ILE D 55 47.49 13.95 2.52
CA ILE D 55 47.28 14.47 1.20
C ILE D 55 47.09 13.26 0.22
N VAL D 56 46.52 13.50 -0.96
CA VAL D 56 46.37 12.45 -1.94
C VAL D 56 47.45 12.68 -2.98
N GLU D 57 48.47 11.83 -2.93
CA GLU D 57 49.58 11.88 -3.87
C GLU D 57 49.12 11.56 -5.30
N ASP D 58 48.37 10.48 -5.52
CA ASP D 58 47.85 10.17 -6.83
C ASP D 58 46.45 9.54 -6.69
N ALA D 59 45.56 9.85 -7.64
CA ALA D 59 44.27 9.21 -7.76
C ALA D 59 44.05 8.75 -9.20
N LYS D 60 43.54 7.54 -9.36
CA LYS D 60 43.21 6.96 -10.67
C LYS D 60 41.81 6.34 -10.59
N PHE D 61 41.25 5.99 -11.75
CA PHE D 61 39.91 5.39 -11.78
C PHE D 61 39.77 4.49 -12.97
N GLU D 62 38.91 3.48 -12.82
CA GLU D 62 38.42 2.66 -13.89
C GLU D 62 36.91 2.66 -13.91
N GLY D 63 36.35 2.66 -15.12
CA GLY D 63 34.92 2.72 -15.23
C GLY D 63 34.40 2.59 -16.63
N GLU D 64 33.06 2.48 -16.68
CA GLU D 64 32.27 2.52 -17.91
C GLU D 64 30.96 3.22 -17.61
N GLY D 65 30.59 4.18 -18.45
CA GLY D 65 29.32 4.85 -18.24
C GLY D 65 29.12 5.99 -19.17
N CYS D 66 28.11 6.80 -18.87
CA CYS D 66 27.75 7.93 -19.71
C CYS D 66 28.83 8.98 -19.76
N SER D 67 28.68 9.90 -20.70
CA SER D 67 29.65 10.98 -20.88
C SER D 67 29.87 11.80 -19.62
N ILE D 68 28.80 12.16 -18.95
CA ILE D 68 28.89 13.05 -17.79
C ILE D 68 29.62 12.38 -16.64
N SER D 69 29.29 11.11 -16.36
CA SER D 69 29.91 10.39 -15.24
C SER D 69 31.40 10.22 -15.47
N MET D 70 31.78 9.74 -16.65
CA MET D 70 33.19 9.48 -16.93
C MET D 70 34.01 10.75 -17.01
N ALA D 71 33.45 11.79 -17.62
CA ALA D 71 34.15 13.07 -17.68
C ALA D 71 34.33 13.64 -16.29
N SER D 72 33.31 13.53 -15.44
CA SER D 72 33.40 14.02 -14.06
C SER D 72 34.44 13.24 -13.29
N ALA D 73 34.52 11.93 -13.51
CA ALA D 73 35.55 11.13 -12.85
C ALA D 73 36.95 11.58 -13.24
N SER D 74 37.18 11.79 -14.54
CA SER D 74 38.48 12.26 -15.03
C SER D 74 38.84 13.61 -14.40
N MET D 75 37.95 14.58 -14.55
CA MET D 75 38.20 15.94 -14.05
C MET D 75 38.45 15.95 -12.55
N MET D 76 37.64 15.19 -11.81
CA MET D 76 37.83 15.10 -10.33
C MET D 76 39.19 14.50 -9.97
N THR D 77 39.50 13.33 -10.51
CA THR D 77 40.75 12.64 -10.20
C THR D 77 41.95 13.57 -10.47
N GLN D 78 41.86 14.38 -11.56
CA GLN D 78 42.97 15.23 -11.89
C GLN D 78 42.97 16.53 -11.04
N ALA D 79 41.79 16.95 -10.57
CA ALA D 79 41.74 18.12 -9.73
C ALA D 79 42.01 17.82 -8.27
N ILE D 80 42.30 16.56 -7.91
CA ILE D 80 42.60 16.25 -6.48
C ILE D 80 44.06 15.90 -6.24
N LYS D 81 44.86 15.79 -7.30
CA LYS D 81 46.29 15.45 -7.17
C LYS D 81 47.06 16.48 -6.32
N GLY D 82 47.55 16.04 -5.16
CA GLY D 82 48.38 16.87 -4.28
C GLY D 82 47.59 17.72 -3.30
N LYS D 83 46.29 17.82 -3.49
CA LYS D 83 45.43 18.50 -2.55
C LYS D 83 45.22 17.67 -1.30
N ASP D 84 44.90 18.36 -0.21
CA ASP D 84 44.72 17.76 1.09
C ASP D 84 43.31 17.11 1.18
N ILE D 85 43.08 16.34 2.25
CA ILE D 85 41.82 15.62 2.46
C ILE D 85 40.69 16.64 2.73
N GLU D 86 41.06 17.64 3.54
CA GLU D 86 40.09 18.66 3.92
C GLU D 86 39.75 19.55 2.72
N THR D 87 40.77 19.92 1.94
CA THR D 87 40.52 20.61 0.69
C THR D 87 39.67 19.75 -0.26
N ALA D 88 39.92 18.45 -0.28
CA ALA D 88 39.17 17.58 -1.19
C ALA D 88 37.69 17.49 -0.80
N LEU D 89 37.42 17.31 0.48
CA LEU D 89 36.04 17.28 0.95
C LEU D 89 35.36 18.65 0.73
N SER D 90 36.12 19.73 0.90
CA SER D 90 35.55 21.06 0.64
C SER D 90 35.20 21.21 -0.84
N MET D 91 36.06 20.70 -1.73
CA MET D 91 35.74 20.63 -3.15
C MET D 91 34.45 19.84 -3.40
N SER D 92 34.33 18.67 -2.77
CA SER D 92 33.15 17.83 -2.93
C SER D 92 31.86 18.59 -2.51
N LYS D 93 31.91 19.27 -1.35
CA LYS D 93 30.75 20.03 -0.86
C LYS D 93 30.43 21.18 -1.84
N ILE D 94 31.48 21.84 -2.35
CA ILE D 94 31.28 22.91 -3.33
C ILE D 94 30.59 22.34 -4.59
N PHE D 95 31.03 21.16 -5.03
CA PHE D 95 30.45 20.54 -6.21
C PHE D 95 28.97 20.19 -5.98
N SER D 96 28.66 19.65 -4.81
CA SER D 96 27.26 19.27 -4.50
C SER D 96 26.38 20.53 -4.48
N ASP D 97 26.89 21.63 -3.91
CA ASP D 97 26.15 22.89 -3.99
C ASP D 97 26.01 23.35 -5.45
N MET D 98 27.07 23.13 -6.23
CA MET D 98 27.07 23.56 -7.64
C MET D 98 26.00 22.87 -8.46
N MET D 99 25.70 21.61 -8.17
CA MET D 99 24.71 20.86 -8.94
C MET D 99 23.29 21.15 -8.51
N GLN D 100 23.15 21.77 -7.34
CA GLN D 100 21.87 22.35 -6.94
C GLN D 100 21.87 23.81 -7.42
N GLY D 101 20.92 24.61 -6.96
CA GLY D 101 20.87 26.04 -7.31
C GLY D 101 21.97 26.93 -6.74
N LYS D 102 22.54 26.51 -5.61
CA LYS D 102 23.37 27.32 -4.71
C LYS D 102 24.48 28.18 -5.32
N GLU D 103 24.76 29.29 -4.63
CA GLU D 103 25.81 30.29 -4.81
C GLU D 103 27.23 29.70 -4.88
N TYR D 104 27.60 28.90 -3.87
CA TYR D 104 28.94 28.33 -3.66
C TYR D 104 30.07 29.33 -3.49
N ASP D 105 31.10 28.90 -2.77
CA ASP D 105 32.36 29.65 -2.54
C ASP D 105 33.34 29.42 -3.69
N ASP D 106 33.49 30.39 -4.59
CA ASP D 106 34.45 30.30 -5.68
C ASP D 106 35.91 30.38 -5.23
N SER D 107 36.18 30.66 -3.95
CA SER D 107 37.55 30.43 -3.41
C SER D 107 37.83 28.94 -3.44
N ILE D 108 38.96 28.54 -3.97
CA ILE D 108 39.35 27.13 -4.23
C ILE D 108 39.08 26.91 -5.71
N ASP D 109 40.13 26.74 -6.52
CA ASP D 109 39.94 26.45 -7.91
C ASP D 109 39.32 25.07 -8.14
N LEU D 110 38.37 25.05 -9.06
CA LEU D 110 37.81 23.81 -9.57
C LEU D 110 38.45 23.38 -10.89
N GLY D 111 39.08 24.30 -11.59
CA GLY D 111 39.54 24.04 -12.93
C GLY D 111 38.42 23.62 -13.85
N ASP D 112 38.72 22.71 -14.77
CA ASP D 112 37.74 22.16 -15.71
C ASP D 112 36.43 21.71 -15.06
N ILE D 113 36.49 21.36 -13.76
CA ILE D 113 35.27 20.93 -13.03
C ILE D 113 34.16 21.92 -13.14
N GLU D 114 34.49 23.22 -13.17
CA GLU D 114 33.45 24.27 -13.26
C GLU D 114 32.52 24.08 -14.45
N ALA D 115 33.03 23.45 -15.51
CA ALA D 115 32.25 23.20 -16.69
C ALA D 115 31.00 22.37 -16.43
N LEU D 116 30.98 21.55 -15.38
CA LEU D 116 29.80 20.77 -15.06
C LEU D 116 28.69 21.60 -14.45
N GLN D 117 28.88 22.92 -14.33
CA GLN D 117 27.80 23.80 -13.85
C GLN D 117 26.51 23.54 -14.62
N GLY D 118 26.64 23.25 -15.90
CA GLY D 118 25.49 23.11 -16.78
C GLY D 118 24.54 22.02 -16.41
N VAL D 119 25.02 20.96 -15.77
CA VAL D 119 24.13 19.84 -15.45
C VAL D 119 23.35 20.16 -14.17
N SER D 120 23.46 21.41 -13.71
CA SER D 120 22.48 21.92 -12.77
C SER D 120 21.12 22.09 -13.43
N LYS D 121 21.10 22.39 -14.73
CA LYS D 121 19.85 22.46 -15.50
C LYS D 121 19.42 21.11 -16.07
N PHE D 122 20.01 20.00 -15.63
CA PHE D 122 19.63 18.67 -16.07
C PHE D 122 19.71 17.74 -14.85
N PRO D 123 18.78 17.91 -13.89
CA PRO D 123 18.92 17.21 -12.62
C PRO D 123 18.96 15.69 -12.73
N ALA D 124 18.40 15.16 -13.82
CA ALA D 124 18.41 13.72 -14.08
C ALA D 124 19.84 13.17 -14.23
N ARG D 125 20.82 14.06 -14.42
CA ARG D 125 22.20 13.64 -14.56
C ARG D 125 23.06 14.07 -13.38
N ILE D 126 22.46 14.67 -12.34
CA ILE D 126 23.23 15.06 -11.14
C ILE D 126 24.00 13.86 -10.61
N LYS D 127 23.32 12.75 -10.31
CA LYS D 127 24.03 11.56 -9.81
C LYS D 127 25.01 11.04 -10.82
N CYS D 128 24.73 11.24 -12.11
CA CYS D 128 25.74 10.93 -13.13
C CYS D 128 27.04 11.66 -12.81
N ALA D 129 26.95 12.98 -12.64
CA ALA D 129 28.14 13.77 -12.31
C ALA D 129 28.60 13.52 -10.87
N THR D 130 27.71 13.04 -10.00
CA THR D 130 28.01 13.00 -8.55
C THR D 130 28.66 11.70 -8.14
N LEU D 131 28.38 10.62 -8.87
CA LEU D 131 28.97 9.32 -8.63
C LEU D 131 30.44 9.39 -8.22
N SER D 132 31.25 9.92 -9.14
CA SER D 132 32.67 10.08 -8.90
C SER D 132 32.95 10.67 -7.51
N TRP D 133 32.35 11.81 -7.22
CA TRP D 133 32.65 12.50 -5.96
C TRP D 133 32.16 11.70 -4.76
N LYS D 134 31.04 11.00 -4.90
CA LYS D 134 30.58 10.17 -3.79
C LYS D 134 31.61 9.07 -3.49
N ALA D 135 32.22 8.53 -4.55
CA ALA D 135 33.31 7.58 -4.37
C ALA D 135 34.40 8.14 -3.42
N LEU D 136 34.68 9.44 -3.54
CA LEU D 136 35.62 10.08 -2.64
C LEU D 136 35.10 10.15 -1.22
N GLU D 137 33.84 10.54 -1.05
CA GLU D 137 33.30 10.72 0.32
C GLU D 137 33.18 9.38 1.05
N LYS D 138 33.06 8.27 0.32
CA LYS D 138 33.13 6.96 0.96
C LYS D 138 34.58 6.50 1.10
N GLY D 139 35.48 7.03 0.27
CA GLY D 139 36.91 6.72 0.35
C GLY D 139 37.52 7.00 1.72
N VAL D 140 37.10 8.10 2.32
CA VAL D 140 37.57 8.61 3.59
C VAL D 140 36.74 8.02 4.73
#